data_1GL3
#
_entry.id   1GL3
#
_cell.length_a   121.000
_cell.length_b   121.000
_cell.length_c   94.000
_cell.angle_alpha   90.00
_cell.angle_beta   90.00
_cell.angle_gamma   120.00
#
_symmetry.space_group_name_H-M   'P 64'
#
loop_
_entity.id
_entity.type
_entity.pdbx_description
1 polymer 'ASPARTATE-SEMIALDEHYDE DEHYDROGENASE'
2 non-polymer CYSTEINE
3 non-polymer 'NADPH DIHYDRO-NICOTINAMIDE-ADENINE-DINUCLEOTIDE PHOSPHATE'
4 water water
#
_entity_poly.entity_id   1
_entity_poly.type   'polypeptide(L)'
_entity_poly.pdbx_seq_one_letter_code
;MKNVGFIGWRGMVGSVLMQRMVEERDFDAIRPVFFSTSQLGQAAPSFGGTTGTLQDAFDLEALKALDIIVTCQGGDYTNE
IYPKLRESGWQGYWIDAASSLRMKDDAIIILDPVNQDVITDGLNNGIRTFVGGNCTVSLMLMSLGGLFANDLVDWVSVAT
YQAASGGGARHMRELLTQMGHLYGHVADELATPSSAILDIERKVTTLTRSGELPVDNFGVPLAGSLIPWIDKQLDNGQSR
EEWKGQAETNKILNTSSVIPVDGLCVRVGALRCHSQAFTIKLKKDVSIPTVEELLAAHNPWAKVVPNDREITMRELTPAA
VTGTLTTPVGRLRKLNMGPEFLSAFTVGDQLLWGAAEPLRRMLRQLA
;
_entity_poly.pdbx_strand_id   A,B
#
# COMPACT_ATOMS: atom_id res chain seq x y z
N MET A 1 -32.88 15.36 -29.66
CA MET A 1 -31.65 15.88 -28.99
C MET A 1 -31.99 16.46 -27.63
N LYS A 2 -31.41 15.88 -26.58
CA LYS A 2 -31.65 16.35 -25.21
C LYS A 2 -30.62 17.40 -24.82
N ASN A 3 -31.02 18.34 -23.97
CA ASN A 3 -30.12 19.38 -23.49
C ASN A 3 -29.42 18.86 -22.24
N VAL A 4 -28.18 18.41 -22.40
CA VAL A 4 -27.39 17.85 -21.30
C VAL A 4 -26.33 18.82 -20.78
N GLY A 5 -26.44 19.18 -19.51
CA GLY A 5 -25.48 20.09 -18.92
C GLY A 5 -24.30 19.41 -18.27
N PHE A 6 -23.11 19.97 -18.43
CA PHE A 6 -21.91 19.39 -17.86
C PHE A 6 -21.21 20.29 -16.85
N ILE A 7 -21.16 19.83 -15.60
CA ILE A 7 -20.51 20.55 -14.52
C ILE A 7 -19.31 19.75 -14.02
N GLY A 8 -18.26 20.45 -13.60
CA GLY A 8 -17.08 19.77 -13.12
C GLY A 8 -16.47 18.89 -14.19
N TRP A 9 -16.46 19.40 -15.43
CA TRP A 9 -15.91 18.66 -16.56
C TRP A 9 -14.42 18.93 -16.71
N ARG A 10 -13.92 19.91 -15.95
CA ARG A 10 -12.52 20.29 -16.01
C ARG A 10 -11.68 19.53 -14.99
N GLY A 11 -12.33 19.03 -13.94
CA GLY A 11 -11.60 18.29 -12.92
C GLY A 11 -10.99 16.99 -13.39
N MET A 12 -10.39 16.25 -12.46
CA MET A 12 -9.76 14.97 -12.77
C MET A 12 -10.74 14.00 -13.44
N VAL A 13 -11.93 13.85 -12.85
CA VAL A 13 -12.95 12.95 -13.38
C VAL A 13 -13.57 13.51 -14.65
N GLY A 14 -14.04 14.76 -14.56
CA GLY A 14 -14.66 15.39 -15.71
C GLY A 14 -13.79 15.23 -16.94
N SER A 15 -12.49 15.45 -16.77
CA SER A 15 -11.54 15.33 -17.87
C SER A 15 -11.49 13.94 -18.49
N VAL A 16 -11.44 12.92 -17.64
CA VAL A 16 -11.41 11.55 -18.14
C VAL A 16 -12.73 11.29 -18.85
N LEU A 17 -13.83 11.75 -18.24
CA LEU A 17 -15.16 11.58 -18.79
C LEU A 17 -15.30 12.27 -20.14
N MET A 18 -14.72 13.45 -20.26
CA MET A 18 -14.80 14.19 -21.51
C MET A 18 -14.04 13.43 -22.58
N GLN A 19 -12.80 13.07 -22.26
CA GLN A 19 -11.94 12.34 -23.16
C GLN A 19 -12.63 11.06 -23.65
N ARG A 20 -13.33 10.38 -22.76
CA ARG A 20 -14.01 9.14 -23.12
C ARG A 20 -15.21 9.37 -24.05
N MET A 21 -15.98 10.42 -23.78
CA MET A 21 -17.15 10.70 -24.62
C MET A 21 -16.74 10.98 -26.06
N VAL A 22 -15.61 11.65 -26.24
CA VAL A 22 -15.13 11.97 -27.58
C VAL A 22 -14.82 10.66 -28.30
N GLU A 23 -14.12 9.76 -27.61
CA GLU A 23 -13.75 8.47 -28.17
C GLU A 23 -14.97 7.71 -28.69
N GLU A 24 -16.00 7.60 -27.87
CA GLU A 24 -17.20 6.88 -28.26
C GLU A 24 -18.23 7.75 -28.96
N ARG A 25 -17.83 8.97 -29.33
CA ARG A 25 -18.70 9.92 -30.02
C ARG A 25 -20.00 10.17 -29.24
N ASP A 26 -19.89 10.24 -27.91
CA ASP A 26 -21.02 10.46 -27.02
C ASP A 26 -21.75 11.79 -27.22
N PHE A 27 -21.03 12.79 -27.72
CA PHE A 27 -21.63 14.11 -27.94
C PHE A 27 -22.54 14.22 -29.16
N ASP A 28 -22.50 13.21 -30.02
CA ASP A 28 -23.29 13.20 -31.24
C ASP A 28 -24.82 13.14 -31.02
N ALA A 29 -25.25 12.50 -29.95
CA ALA A 29 -26.68 12.37 -29.67
C ALA A 29 -27.27 13.42 -28.74
N ILE A 30 -26.41 14.15 -28.03
CA ILE A 30 -26.88 15.16 -27.08
C ILE A 30 -26.58 16.61 -27.49
N ARG A 31 -27.10 17.54 -26.69
CA ARG A 31 -26.89 18.96 -26.90
C ARG A 31 -26.09 19.43 -25.68
N PRO A 32 -24.75 19.43 -25.80
CA PRO A 32 -23.83 19.84 -24.74
C PRO A 32 -23.88 21.30 -24.33
N VAL A 33 -23.76 21.52 -23.02
CA VAL A 33 -23.75 22.84 -22.42
C VAL A 33 -22.66 22.71 -21.38
N PHE A 34 -21.77 23.70 -21.30
CA PHE A 34 -20.67 23.63 -20.34
C PHE A 34 -20.68 24.70 -19.27
N PHE A 35 -20.86 24.27 -18.02
CA PHE A 35 -20.91 25.19 -16.89
C PHE A 35 -19.57 25.24 -16.18
N SER A 36 -19.38 26.28 -15.37
CA SER A 36 -18.15 26.48 -14.62
C SER A 36 -18.50 27.13 -13.27
N THR A 37 -17.58 27.06 -12.33
CA THR A 37 -17.81 27.65 -11.01
C THR A 37 -16.79 28.74 -10.71
N SER A 38 -15.79 28.87 -11.58
CA SER A 38 -14.75 29.88 -11.37
C SER A 38 -14.36 30.58 -12.65
N GLN A 39 -14.78 30.04 -13.79
CA GLN A 39 -14.46 30.64 -15.08
C GLN A 39 -15.71 30.97 -15.87
N LEU A 40 -16.80 31.22 -15.14
CA LEU A 40 -18.08 31.54 -15.75
C LEU A 40 -17.92 32.66 -16.79
N GLY A 41 -18.52 32.46 -17.95
CA GLY A 41 -18.45 33.46 -19.01
C GLY A 41 -17.34 33.22 -20.02
N GLN A 42 -16.31 32.48 -19.61
CA GLN A 42 -15.17 32.20 -20.49
C GLN A 42 -15.50 31.27 -21.66
N ALA A 43 -14.51 30.95 -22.47
CA ALA A 43 -14.68 30.08 -23.64
C ALA A 43 -14.99 28.65 -23.23
N ALA A 44 -16.01 28.06 -23.87
CA ALA A 44 -16.42 26.69 -23.58
C ALA A 44 -15.61 25.64 -24.33
N PRO A 45 -15.41 24.46 -23.72
CA PRO A 45 -14.66 23.30 -24.23
C PRO A 45 -14.82 22.98 -25.72
N SER A 46 -16.05 22.96 -26.20
CA SER A 46 -16.33 22.64 -27.61
C SER A 46 -15.97 21.19 -27.93
N PHE A 47 -16.14 20.31 -26.94
CA PHE A 47 -15.84 18.89 -27.10
C PHE A 47 -16.76 18.27 -28.13
N GLY A 48 -18.05 18.58 -28.03
CA GLY A 48 -19.01 18.04 -28.98
C GLY A 48 -19.14 18.95 -30.18
N GLY A 49 -18.02 19.52 -30.61
CA GLY A 49 -18.03 20.40 -31.76
C GLY A 49 -19.10 21.47 -31.58
N THR A 50 -19.18 22.00 -30.36
CA THR A 50 -20.15 23.04 -30.04
C THR A 50 -19.43 24.31 -29.62
N THR A 51 -19.88 25.44 -30.15
CA THR A 51 -19.28 26.72 -29.81
C THR A 51 -20.17 27.53 -28.86
N GLY A 52 -19.65 27.81 -27.68
CA GLY A 52 -20.39 28.57 -26.69
C GLY A 52 -19.48 29.06 -25.58
N THR A 53 -20.07 29.46 -24.46
CA THR A 53 -19.30 29.93 -23.32
C THR A 53 -19.68 29.18 -22.06
N LEU A 54 -18.82 29.20 -21.06
CA LEU A 54 -19.09 28.52 -19.80
C LEU A 54 -20.30 29.12 -19.10
N GLN A 55 -21.30 28.28 -18.83
CA GLN A 55 -22.52 28.71 -18.17
C GLN A 55 -22.35 28.80 -16.66
N ASP A 56 -23.30 29.47 -16.02
CA ASP A 56 -23.28 29.63 -14.58
C ASP A 56 -23.68 28.33 -13.90
N ALA A 57 -22.69 27.66 -13.32
CA ALA A 57 -22.94 26.39 -12.65
C ALA A 57 -23.96 26.57 -11.54
N PHE A 58 -24.08 27.81 -11.05
CA PHE A 58 -25.01 28.08 -9.97
C PHE A 58 -26.32 28.73 -10.37
N ASP A 59 -26.52 28.92 -11.67
CA ASP A 59 -27.75 29.52 -12.15
C ASP A 59 -28.89 28.51 -12.19
N LEU A 60 -29.76 28.58 -11.19
CA LEU A 60 -30.89 27.66 -11.11
C LEU A 60 -31.73 27.69 -12.37
N GLU A 61 -32.14 28.88 -12.79
CA GLU A 61 -32.96 29.02 -13.98
C GLU A 61 -32.28 28.37 -15.18
N ALA A 62 -31.01 28.65 -15.36
CA ALA A 62 -30.24 28.08 -16.46
C ALA A 62 -30.17 26.56 -16.36
N LEU A 63 -30.14 26.05 -15.14
CA LEU A 63 -30.07 24.61 -14.92
C LEU A 63 -31.39 23.92 -15.19
N LYS A 64 -32.49 24.58 -14.85
CA LYS A 64 -33.83 24.01 -15.05
C LYS A 64 -34.17 23.77 -16.52
N ALA A 65 -33.42 24.37 -17.43
CA ALA A 65 -33.67 24.23 -18.86
C ALA A 65 -33.15 22.93 -19.48
N LEU A 66 -32.23 22.25 -18.80
CA LEU A 66 -31.65 21.02 -19.31
C LEU A 66 -32.43 19.77 -18.94
N ASP A 67 -32.41 18.76 -19.81
CA ASP A 67 -33.10 17.51 -19.56
C ASP A 67 -32.27 16.62 -18.65
N ILE A 68 -30.95 16.81 -18.69
CA ILE A 68 -30.05 16.01 -17.87
C ILE A 68 -28.86 16.86 -17.38
N ILE A 69 -28.28 16.44 -16.28
CA ILE A 69 -27.13 17.13 -15.70
C ILE A 69 -26.10 16.08 -15.28
N VAL A 70 -24.85 16.29 -15.71
CA VAL A 70 -23.75 15.39 -15.37
C VAL A 70 -22.71 16.21 -14.60
N THR A 71 -22.53 15.88 -13.32
CA THR A 71 -21.58 16.62 -12.48
C THR A 71 -20.38 15.79 -12.03
N CYS A 72 -19.21 16.38 -12.16
CA CYS A 72 -17.95 15.76 -11.74
C CYS A 72 -17.27 16.87 -10.96
N GLN A 73 -18.10 17.74 -10.40
CA GLN A 73 -17.62 18.90 -9.64
C GLN A 73 -17.24 18.57 -8.20
N GLY A 74 -18.17 17.96 -7.47
CA GLY A 74 -17.90 17.62 -6.09
C GLY A 74 -19.15 17.57 -5.26
N GLY A 75 -19.05 17.02 -4.05
CA GLY A 75 -20.19 16.94 -3.16
C GLY A 75 -20.63 18.29 -2.61
N ASP A 76 -19.69 19.22 -2.51
CA ASP A 76 -20.01 20.53 -1.98
C ASP A 76 -21.00 21.23 -2.91
N TYR A 77 -20.78 21.04 -4.21
CA TYR A 77 -21.64 21.65 -5.23
C TYR A 77 -23.03 21.03 -5.19
N THR A 78 -23.07 19.70 -5.15
CA THR A 78 -24.32 18.95 -5.12
C THR A 78 -25.21 19.40 -3.95
N ASN A 79 -24.70 19.26 -2.74
CA ASN A 79 -25.43 19.64 -1.55
C ASN A 79 -25.92 21.07 -1.62
N GLU A 80 -25.30 21.87 -2.47
CA GLU A 80 -25.69 23.26 -2.60
C GLU A 80 -26.79 23.48 -3.64
N ILE A 81 -26.62 22.90 -4.83
CA ILE A 81 -27.59 23.09 -5.89
C ILE A 81 -28.77 22.10 -5.96
N TYR A 82 -28.47 20.81 -5.92
CA TYR A 82 -29.50 19.79 -6.01
C TYR A 82 -30.77 20.01 -5.19
N PRO A 83 -30.64 20.18 -3.86
CA PRO A 83 -31.85 20.40 -3.06
C PRO A 83 -32.61 21.63 -3.53
N LYS A 84 -31.87 22.68 -3.89
CA LYS A 84 -32.44 23.92 -4.35
C LYS A 84 -33.09 23.80 -5.72
N LEU A 85 -32.52 22.95 -6.58
CA LEU A 85 -33.06 22.73 -7.92
C LEU A 85 -34.32 21.86 -7.92
N ARG A 86 -34.24 20.70 -7.26
CA ARG A 86 -35.40 19.81 -7.20
C ARG A 86 -36.58 20.58 -6.62
N GLU A 87 -36.29 21.50 -5.70
CA GLU A 87 -37.33 22.29 -5.06
C GLU A 87 -38.01 23.19 -6.08
N SER A 88 -37.20 23.74 -7.00
CA SER A 88 -37.69 24.61 -8.04
C SER A 88 -38.63 23.87 -8.98
N GLY A 89 -38.78 22.57 -8.76
CA GLY A 89 -39.66 21.77 -9.59
C GLY A 89 -38.99 21.05 -10.74
N TRP A 90 -37.66 21.13 -10.81
CA TRP A 90 -36.91 20.47 -11.88
C TRP A 90 -37.08 18.95 -11.83
N GLN A 91 -37.64 18.41 -12.91
CA GLN A 91 -37.86 16.96 -12.98
C GLN A 91 -36.91 16.28 -13.96
N GLY A 92 -35.73 16.87 -14.15
CA GLY A 92 -34.76 16.30 -15.06
C GLY A 92 -33.95 15.18 -14.41
N TYR A 93 -33.00 14.63 -15.14
CA TYR A 93 -32.16 13.56 -14.63
C TYR A 93 -30.83 14.08 -14.09
N TRP A 94 -30.47 13.66 -12.89
CA TRP A 94 -29.24 14.09 -12.26
C TRP A 94 -28.23 12.95 -12.12
N ILE A 95 -27.19 12.96 -12.97
CA ILE A 95 -26.14 11.94 -12.90
C ILE A 95 -24.96 12.58 -12.18
N ASP A 96 -24.60 12.00 -11.04
CA ASP A 96 -23.53 12.53 -10.20
C ASP A 96 -22.39 11.54 -9.96
N ALA A 97 -21.23 12.09 -9.61
CA ALA A 97 -20.05 11.27 -9.32
C ALA A 97 -19.74 11.42 -7.83
N ALA A 98 -20.18 12.53 -7.24
CA ALA A 98 -19.96 12.81 -5.83
C ALA A 98 -20.76 11.86 -4.95
N SER A 99 -20.29 11.67 -3.72
CA SER A 99 -20.92 10.76 -2.77
C SER A 99 -22.23 11.26 -2.15
N SER A 100 -22.36 12.57 -2.06
CA SER A 100 -23.53 13.23 -1.47
C SER A 100 -24.84 12.44 -1.46
N LEU A 101 -25.48 12.36 -2.62
CA LEU A 101 -26.77 11.68 -2.74
C LEU A 101 -26.73 10.17 -2.89
N ARG A 102 -25.59 9.55 -2.61
CA ARG A 102 -25.49 8.10 -2.76
C ARG A 102 -26.48 7.31 -1.90
N MET A 103 -26.44 7.50 -0.58
CA MET A 103 -27.32 6.79 0.31
C MET A 103 -28.68 7.47 0.52
N LYS A 104 -29.07 8.30 -0.44
CA LYS A 104 -30.34 9.01 -0.37
C LYS A 104 -31.42 8.18 -1.06
N ASP A 105 -32.67 8.40 -0.68
CA ASP A 105 -33.78 7.65 -1.25
C ASP A 105 -34.04 7.91 -2.73
N ASP A 106 -33.97 9.17 -3.14
CA ASP A 106 -34.22 9.51 -4.53
C ASP A 106 -33.02 9.32 -5.44
N ALA A 107 -32.07 8.50 -5.01
CA ALA A 107 -30.89 8.25 -5.82
C ALA A 107 -30.53 6.76 -5.87
N ILE A 108 -30.01 6.36 -7.03
CA ILE A 108 -29.61 4.97 -7.23
C ILE A 108 -28.13 4.96 -7.59
N ILE A 109 -27.38 4.09 -6.94
CA ILE A 109 -25.95 3.97 -7.20
C ILE A 109 -25.81 3.13 -8.47
N ILE A 110 -25.05 3.63 -9.43
CA ILE A 110 -24.92 2.93 -10.70
C ILE A 110 -23.61 2.19 -11.02
N LEU A 111 -23.78 0.97 -11.50
CA LEU A 111 -22.69 0.10 -11.92
C LEU A 111 -23.32 -0.86 -12.91
N ASP A 112 -23.68 -0.30 -14.07
CA ASP A 112 -24.31 -1.03 -15.15
C ASP A 112 -23.94 -2.52 -15.22
N PRO A 113 -22.65 -2.84 -15.44
CA PRO A 113 -22.19 -4.24 -15.52
C PRO A 113 -22.50 -5.10 -14.31
N VAL A 114 -22.74 -4.46 -13.18
CA VAL A 114 -23.03 -5.20 -11.94
C VAL A 114 -24.51 -5.19 -11.53
N ASN A 115 -25.19 -4.06 -11.68
CA ASN A 115 -26.59 -3.97 -11.27
C ASN A 115 -27.51 -3.24 -12.25
N GLN A 116 -27.56 -3.71 -13.49
CA GLN A 116 -28.41 -3.08 -14.49
C GLN A 116 -29.87 -3.22 -14.08
N ASP A 117 -30.25 -4.41 -13.60
CA ASP A 117 -31.61 -4.67 -13.17
C ASP A 117 -32.09 -3.60 -12.18
N VAL A 118 -31.29 -3.39 -11.13
CA VAL A 118 -31.63 -2.40 -10.11
C VAL A 118 -31.85 -1.07 -10.81
N ILE A 119 -30.89 -0.69 -11.65
CA ILE A 119 -30.98 0.56 -12.39
C ILE A 119 -32.31 0.65 -13.11
N THR A 120 -32.58 -0.32 -13.99
CA THR A 120 -33.81 -0.32 -14.75
C THR A 120 -35.04 -0.20 -13.83
N ASP A 121 -35.10 -1.07 -12.82
CA ASP A 121 -36.23 -1.06 -11.89
C ASP A 121 -36.49 0.34 -11.35
N GLY A 122 -35.43 0.97 -10.82
CA GLY A 122 -35.59 2.31 -10.29
C GLY A 122 -36.02 3.29 -11.35
N LEU A 123 -35.60 3.02 -12.59
CA LEU A 123 -35.91 3.86 -13.74
C LEU A 123 -37.41 3.83 -14.04
N ASN A 124 -38.00 2.65 -13.92
CA ASN A 124 -39.43 2.49 -14.17
C ASN A 124 -40.19 2.83 -12.90
N ASN A 125 -39.46 3.16 -11.84
CA ASN A 125 -40.07 3.50 -10.57
C ASN A 125 -40.03 4.99 -10.25
N GLY A 126 -39.51 5.79 -11.17
CA GLY A 126 -39.46 7.22 -10.95
C GLY A 126 -38.12 7.84 -10.58
N ILE A 127 -37.12 7.00 -10.32
CA ILE A 127 -35.81 7.53 -9.96
C ILE A 127 -35.27 8.35 -11.12
N ARG A 128 -34.80 9.55 -10.81
CA ARG A 128 -34.23 10.44 -11.81
C ARG A 128 -32.79 10.82 -11.48
N THR A 129 -32.34 10.41 -10.30
CA THR A 129 -30.98 10.69 -9.84
C THR A 129 -30.15 9.42 -9.81
N PHE A 130 -29.07 9.40 -10.59
CA PHE A 130 -28.19 8.24 -10.66
C PHE A 130 -26.76 8.62 -10.29
N VAL A 131 -26.27 8.04 -9.21
CA VAL A 131 -24.93 8.35 -8.72
C VAL A 131 -23.95 7.18 -8.76
N GLY A 132 -22.72 7.47 -9.13
CA GLY A 132 -21.69 6.45 -9.17
C GLY A 132 -21.13 6.24 -7.78
N GLY A 133 -20.91 4.99 -7.40
CA GLY A 133 -20.39 4.71 -6.08
C GLY A 133 -18.92 5.06 -5.92
N ASN A 134 -18.39 4.82 -4.73
CA ASN A 134 -16.99 5.10 -4.46
C ASN A 134 -16.15 4.34 -5.47
N CYS A 135 -15.14 4.99 -6.02
CA CYS A 135 -14.25 4.39 -7.00
C CYS A 135 -13.72 3.02 -6.55
N THR A 136 -13.38 2.89 -5.26
CA THR A 136 -12.86 1.63 -4.73
C THR A 136 -13.92 0.51 -4.71
N VAL A 137 -15.09 0.80 -4.18
CA VAL A 137 -16.16 -0.19 -4.13
C VAL A 137 -16.55 -0.52 -5.56
N SER A 138 -16.75 0.54 -6.36
CA SER A 138 -17.11 0.40 -7.76
C SER A 138 -16.10 -0.52 -8.45
N LEU A 139 -14.83 -0.38 -8.09
CA LEU A 139 -13.76 -1.19 -8.64
C LEU A 139 -13.84 -2.63 -8.11
N MET A 140 -14.05 -2.76 -6.81
CA MET A 140 -14.15 -4.06 -6.18
C MET A 140 -15.23 -4.91 -6.85
N LEU A 141 -16.42 -4.34 -6.97
CA LEU A 141 -17.55 -5.05 -7.58
C LEU A 141 -17.32 -5.40 -9.04
N MET A 142 -16.57 -4.56 -9.75
CA MET A 142 -16.29 -4.83 -11.16
C MET A 142 -15.33 -6.01 -11.27
N SER A 143 -14.41 -6.09 -10.33
CA SER A 143 -13.41 -7.16 -10.31
C SER A 143 -13.91 -8.43 -9.67
N LEU A 144 -14.59 -8.31 -8.54
CA LEU A 144 -15.12 -9.46 -7.82
C LEU A 144 -16.62 -9.63 -8.02
N GLY A 145 -17.14 -9.09 -9.11
CA GLY A 145 -18.56 -9.17 -9.39
C GLY A 145 -19.14 -10.58 -9.41
N GLY A 146 -18.43 -11.51 -10.03
CA GLY A 146 -18.91 -12.87 -10.12
C GLY A 146 -19.23 -13.54 -8.80
N LEU A 147 -18.43 -13.29 -7.78
CA LEU A 147 -18.64 -13.89 -6.47
C LEU A 147 -19.98 -13.47 -5.87
N PHE A 148 -20.18 -12.17 -5.71
CA PHE A 148 -21.41 -11.65 -5.14
C PHE A 148 -22.60 -12.15 -5.96
N ALA A 149 -22.49 -11.99 -7.27
CA ALA A 149 -23.56 -12.40 -8.19
C ALA A 149 -23.98 -13.85 -8.01
N ASN A 150 -23.18 -14.62 -7.29
CA ASN A 150 -23.52 -16.02 -7.07
C ASN A 150 -23.77 -16.35 -5.60
N ASP A 151 -23.86 -15.31 -4.78
CA ASP A 151 -24.11 -15.48 -3.34
C ASP A 151 -23.05 -16.38 -2.73
N LEU A 152 -21.80 -16.16 -3.10
CA LEU A 152 -20.69 -16.96 -2.60
C LEU A 152 -19.93 -16.23 -1.49
N VAL A 153 -20.25 -14.96 -1.26
CA VAL A 153 -19.57 -14.17 -0.25
C VAL A 153 -20.27 -14.13 1.11
N ASP A 154 -19.52 -14.44 2.17
CA ASP A 154 -20.05 -14.41 3.53
C ASP A 154 -19.76 -13.03 4.12
N TRP A 155 -18.55 -12.55 3.87
CA TRP A 155 -18.10 -11.23 4.30
C TRP A 155 -16.76 -10.94 3.65
N VAL A 156 -16.38 -9.66 3.62
CA VAL A 156 -15.12 -9.27 3.00
C VAL A 156 -14.27 -8.38 3.89
N SER A 157 -12.96 -8.56 3.79
CA SER A 157 -12.01 -7.76 4.55
C SER A 157 -11.02 -7.17 3.54
N VAL A 158 -11.06 -5.85 3.39
CA VAL A 158 -10.19 -5.19 2.43
C VAL A 158 -9.14 -4.28 3.06
N ALA A 159 -8.05 -4.10 2.31
CA ALA A 159 -6.94 -3.24 2.69
C ALA A 159 -6.61 -2.58 1.36
N THR A 160 -6.96 -1.31 1.22
CA THR A 160 -6.73 -0.62 -0.04
C THR A 160 -5.43 0.14 -0.21
N TYR A 161 -4.96 0.13 -1.45
CA TYR A 161 -3.75 0.82 -1.88
C TYR A 161 -4.29 1.87 -2.84
N GLN A 162 -4.82 2.95 -2.28
CA GLN A 162 -5.42 4.02 -3.09
C GLN A 162 -4.45 5.05 -3.64
N ALA A 163 -4.64 5.38 -4.91
CA ALA A 163 -3.78 6.33 -5.62
C ALA A 163 -4.08 7.79 -5.26
N ALA A 164 -3.09 8.65 -5.51
CA ALA A 164 -3.22 10.09 -5.23
C ALA A 164 -4.31 10.77 -6.04
N SER A 165 -4.60 10.23 -7.23
CA SER A 165 -5.62 10.80 -8.12
C SER A 165 -7.00 10.77 -7.49
N GLY A 166 -7.17 10.00 -6.42
CA GLY A 166 -8.46 9.92 -5.76
C GLY A 166 -8.86 11.23 -5.12
N GLY A 167 -7.88 11.97 -4.62
CA GLY A 167 -8.15 13.24 -3.98
C GLY A 167 -8.34 14.39 -4.94
N GLY A 168 -8.12 14.14 -6.23
CA GLY A 168 -8.29 15.20 -7.22
C GLY A 168 -6.98 15.65 -7.84
N ALA A 169 -7.07 16.59 -8.77
CA ALA A 169 -5.90 17.11 -9.47
C ALA A 169 -4.85 17.64 -8.50
N ARG A 170 -5.22 18.66 -7.74
CA ARG A 170 -4.30 19.29 -6.79
C ARG A 170 -3.54 18.25 -5.96
N HIS A 171 -4.22 17.16 -5.63
CA HIS A 171 -3.62 16.09 -4.84
C HIS A 171 -2.54 15.35 -5.63
N MET A 172 -2.86 15.01 -6.88
CA MET A 172 -1.89 14.31 -7.73
C MET A 172 -0.69 15.23 -7.95
N ARG A 173 -0.95 16.42 -8.46
CA ARG A 173 0.10 17.39 -8.72
C ARG A 173 0.98 17.58 -7.49
N GLU A 174 0.36 17.48 -6.32
CA GLU A 174 1.09 17.62 -5.07
C GLU A 174 2.06 16.47 -4.89
N LEU A 175 1.56 15.24 -5.05
CA LEU A 175 2.40 14.07 -4.92
C LEU A 175 3.58 14.21 -5.87
N LEU A 176 3.28 14.41 -7.16
CA LEU A 176 4.30 14.56 -8.18
C LEU A 176 5.32 15.62 -7.78
N THR A 177 4.83 16.75 -7.27
CA THR A 177 5.71 17.84 -6.85
C THR A 177 6.56 17.36 -5.67
N GLN A 178 5.91 16.76 -4.68
CA GLN A 178 6.62 16.26 -3.50
C GLN A 178 7.70 15.30 -3.97
N MET A 179 7.38 14.53 -5.00
CA MET A 179 8.29 13.57 -5.57
C MET A 179 9.56 14.28 -6.02
N GLY A 180 9.38 15.30 -6.85
CA GLY A 180 10.50 16.06 -7.36
C GLY A 180 11.38 16.64 -6.27
N HIS A 181 10.74 17.23 -5.26
CA HIS A 181 11.48 17.82 -4.15
C HIS A 181 12.37 16.77 -3.51
N LEU A 182 11.81 15.58 -3.29
CA LEU A 182 12.55 14.49 -2.66
C LEU A 182 13.80 14.14 -3.46
N TYR A 183 13.61 13.80 -4.73
CA TYR A 183 14.73 13.45 -5.60
C TYR A 183 15.80 14.54 -5.63
N GLY A 184 15.39 15.73 -6.08
CA GLY A 184 16.32 16.85 -6.17
C GLY A 184 17.30 16.98 -5.02
N HIS A 185 16.79 16.96 -3.80
CA HIS A 185 17.60 17.09 -2.60
C HIS A 185 18.78 16.11 -2.57
N VAL A 186 18.69 15.04 -3.36
CA VAL A 186 19.76 14.04 -3.38
C VAL A 186 20.13 13.63 -4.80
N ALA A 187 19.94 14.54 -5.75
CA ALA A 187 20.26 14.28 -7.15
C ALA A 187 21.74 14.00 -7.35
N ASP A 188 22.59 14.68 -6.59
CA ASP A 188 24.02 14.50 -6.71
C ASP A 188 24.48 13.19 -6.10
N GLU A 189 24.00 12.90 -4.89
CA GLU A 189 24.36 11.67 -4.21
C GLU A 189 23.94 10.47 -5.04
N LEU A 190 22.82 10.62 -5.75
CA LEU A 190 22.30 9.55 -6.60
C LEU A 190 23.17 9.46 -7.84
N ALA A 191 23.75 10.59 -8.23
CA ALA A 191 24.60 10.65 -9.40
C ALA A 191 25.87 9.82 -9.18
N THR A 192 26.28 9.72 -7.92
CA THR A 192 27.47 8.96 -7.54
C THR A 192 27.02 7.62 -6.97
N PRO A 193 26.91 6.59 -7.82
CA PRO A 193 26.48 5.23 -7.46
C PRO A 193 27.14 4.58 -6.25
N SER A 194 28.32 5.03 -5.88
CA SER A 194 29.01 4.43 -4.72
C SER A 194 28.75 5.20 -3.43
N SER A 195 28.42 6.49 -3.56
CA SER A 195 28.14 7.33 -2.40
C SER A 195 27.31 6.57 -1.36
N ALA A 196 27.72 6.67 -0.09
CA ALA A 196 27.04 6.00 1.02
C ALA A 196 25.54 6.21 1.00
N ILE A 197 24.80 5.13 1.26
CA ILE A 197 23.35 5.16 1.28
C ILE A 197 22.77 6.03 2.41
N LEU A 198 23.35 5.92 3.61
CA LEU A 198 22.87 6.69 4.75
C LEU A 198 22.83 8.18 4.47
N ASP A 199 23.83 8.66 3.71
CA ASP A 199 23.90 10.08 3.37
C ASP A 199 22.63 10.48 2.63
N ILE A 200 22.26 9.68 1.63
CA ILE A 200 21.08 9.92 0.83
C ILE A 200 19.83 9.78 1.69
N GLU A 201 19.85 8.77 2.54
CA GLU A 201 18.73 8.48 3.45
C GLU A 201 18.43 9.65 4.38
N ARG A 202 19.39 9.99 5.21
CA ARG A 202 19.22 11.10 6.14
C ARG A 202 18.65 12.30 5.43
N LYS A 203 19.27 12.65 4.31
CA LYS A 203 18.86 13.80 3.51
C LYS A 203 17.38 13.81 3.18
N VAL A 204 16.83 12.67 2.77
CA VAL A 204 15.42 12.59 2.41
C VAL A 204 14.49 12.46 3.62
N THR A 205 14.95 11.78 4.67
CA THR A 205 14.13 11.62 5.86
C THR A 205 13.94 12.99 6.50
N THR A 206 14.97 13.83 6.40
CA THR A 206 14.96 15.18 6.96
C THR A 206 14.00 16.10 6.21
N LEU A 207 14.07 16.05 4.88
CA LEU A 207 13.21 16.87 4.04
C LEU A 207 11.77 16.66 4.45
N THR A 208 11.35 15.39 4.40
CA THR A 208 9.99 15.00 4.77
C THR A 208 9.60 15.51 6.15
N ARG A 209 10.42 15.18 7.15
CA ARG A 209 10.17 15.60 8.53
C ARG A 209 10.18 17.12 8.66
N SER A 210 10.74 17.80 7.66
CA SER A 210 10.78 19.25 7.65
C SER A 210 9.54 19.68 6.89
N GLY A 211 8.81 20.65 7.42
CA GLY A 211 7.60 21.11 6.75
C GLY A 211 7.83 21.66 5.36
N GLU A 212 9.03 21.48 4.83
CA GLU A 212 9.37 21.98 3.51
C GLU A 212 8.54 21.39 2.37
N LEU A 213 7.98 20.21 2.59
CA LEU A 213 7.18 19.56 1.54
C LEU A 213 5.75 20.08 1.42
N PRO A 214 5.28 20.32 0.18
CA PRO A 214 3.92 20.81 -0.06
C PRO A 214 2.89 19.74 0.35
N VAL A 215 2.19 20.00 1.45
CA VAL A 215 1.20 19.06 1.95
C VAL A 215 -0.14 19.74 2.18
N ASP A 216 -0.40 20.80 1.43
CA ASP A 216 -1.65 21.54 1.57
C ASP A 216 -2.88 20.68 1.32
N ASN A 217 -2.80 19.77 0.36
CA ASN A 217 -3.93 18.91 0.02
C ASN A 217 -3.97 17.56 0.70
N PHE A 218 -2.92 17.22 1.44
CA PHE A 218 -2.85 15.93 2.13
C PHE A 218 -2.63 16.07 3.62
N GLY A 219 -2.29 17.27 4.06
CA GLY A 219 -2.04 17.51 5.47
C GLY A 219 -0.69 16.96 5.89
N VAL A 220 -0.28 15.88 5.25
CA VAL A 220 1.00 15.26 5.54
C VAL A 220 1.64 14.76 4.26
N PRO A 221 2.98 14.59 4.26
CA PRO A 221 3.66 14.11 3.04
C PRO A 221 3.19 12.72 2.62
N LEU A 222 3.12 12.49 1.32
CA LEU A 222 2.69 11.18 0.80
C LEU A 222 3.73 10.60 -0.16
N ALA A 223 4.51 11.47 -0.80
CA ALA A 223 5.52 11.04 -1.74
C ALA A 223 6.26 9.77 -1.28
N GLY A 224 6.90 9.85 -0.11
CA GLY A 224 7.63 8.69 0.38
C GLY A 224 7.05 7.96 1.57
N SER A 225 5.74 8.04 1.74
CA SER A 225 5.08 7.38 2.86
C SER A 225 3.63 7.03 2.50
N LEU A 226 2.76 6.93 3.51
CA LEU A 226 1.36 6.60 3.28
C LEU A 226 0.49 7.18 4.39
N ILE A 227 -0.82 7.16 4.18
CA ILE A 227 -1.77 7.67 5.16
C ILE A 227 -2.91 6.67 5.42
N PRO A 228 -2.99 6.14 6.64
CA PRO A 228 -4.02 5.16 7.06
C PRO A 228 -5.44 5.70 7.27
N TRP A 229 -5.71 6.90 6.79
CA TRP A 229 -7.04 7.50 6.96
C TRP A 229 -7.41 8.33 5.73
N ILE A 230 -8.48 7.93 5.04
CA ILE A 230 -8.88 8.64 3.85
C ILE A 230 -9.96 9.71 4.07
N ASP A 231 -11.18 9.29 4.38
CA ASP A 231 -12.25 10.26 4.58
C ASP A 231 -12.35 10.75 6.02
N LYS A 232 -13.40 11.52 6.31
CA LYS A 232 -13.62 12.05 7.65
C LYS A 232 -13.75 10.94 8.69
N GLN A 233 -13.79 11.35 9.96
CA GLN A 233 -13.90 10.41 11.06
C GLN A 233 -15.38 10.22 11.41
N LEU A 234 -15.83 8.97 11.42
CA LEU A 234 -17.21 8.67 11.73
C LEU A 234 -17.40 8.46 13.22
N ASP A 235 -18.65 8.47 13.65
CA ASP A 235 -18.98 8.29 15.07
C ASP A 235 -18.57 6.92 15.60
N ASN A 236 -18.00 6.10 14.72
CA ASN A 236 -17.53 4.78 15.11
C ASN A 236 -16.02 4.72 14.86
N GLY A 237 -15.42 3.54 14.97
CA GLY A 237 -13.99 3.44 14.74
C GLY A 237 -13.66 3.43 13.26
N GLN A 238 -14.69 3.46 12.44
CA GLN A 238 -14.54 3.44 10.99
C GLN A 238 -14.28 4.83 10.43
N SER A 239 -13.56 4.88 9.31
CA SER A 239 -13.28 6.13 8.64
C SER A 239 -14.30 6.13 7.49
N ARG A 240 -14.92 7.28 7.24
CA ARG A 240 -15.94 7.38 6.19
C ARG A 240 -15.63 6.59 4.94
N GLU A 241 -14.37 6.61 4.50
CA GLU A 241 -13.97 5.89 3.29
C GLU A 241 -14.19 4.39 3.43
N GLU A 242 -13.90 3.85 4.60
CA GLU A 242 -14.07 2.43 4.87
C GLU A 242 -15.54 2.08 5.00
N TRP A 243 -16.28 2.92 5.72
CA TRP A 243 -17.71 2.72 5.93
C TRP A 243 -18.49 2.66 4.62
N LYS A 244 -17.94 3.31 3.58
CA LYS A 244 -18.59 3.30 2.28
C LYS A 244 -18.62 1.88 1.73
N GLY A 245 -17.61 1.10 2.08
CA GLY A 245 -17.51 -0.26 1.62
C GLY A 245 -18.77 -1.09 1.80
N GLN A 246 -19.20 -1.25 3.05
CA GLN A 246 -20.38 -2.07 3.33
C GLN A 246 -21.69 -1.43 2.89
N ALA A 247 -21.88 -0.16 3.21
CA ALA A 247 -23.10 0.55 2.86
C ALA A 247 -23.43 0.52 1.37
N GLU A 248 -22.51 1.00 0.56
CA GLU A 248 -22.71 1.05 -0.89
C GLU A 248 -22.78 -0.32 -1.56
N THR A 249 -21.98 -1.26 -1.11
CA THR A 249 -21.99 -2.60 -1.71
C THR A 249 -23.37 -3.24 -1.64
N ASN A 250 -24.03 -3.09 -0.51
CA ASN A 250 -25.36 -3.65 -0.33
C ASN A 250 -26.41 -2.85 -1.11
N LYS A 251 -26.21 -1.55 -1.21
CA LYS A 251 -27.15 -0.72 -1.94
C LYS A 251 -27.07 -1.06 -3.43
N ILE A 252 -25.86 -1.04 -3.96
CA ILE A 252 -25.62 -1.35 -5.37
C ILE A 252 -26.20 -2.73 -5.70
N LEU A 253 -25.77 -3.73 -4.94
CA LEU A 253 -26.21 -5.11 -5.14
C LEU A 253 -27.66 -5.33 -4.76
N ASN A 254 -28.22 -4.40 -3.99
CA ASN A 254 -29.60 -4.52 -3.53
C ASN A 254 -29.72 -5.87 -2.84
N THR A 255 -28.88 -6.09 -1.84
CA THR A 255 -28.86 -7.35 -1.10
C THR A 255 -30.04 -7.50 -0.18
N SER A 256 -30.46 -8.76 0.01
CA SER A 256 -31.57 -9.08 0.90
C SER A 256 -31.07 -9.01 2.34
N SER A 257 -29.77 -9.26 2.51
CA SER A 257 -29.15 -9.21 3.83
C SER A 257 -27.75 -8.63 3.74
N VAL A 258 -27.42 -7.77 4.69
CA VAL A 258 -26.11 -7.12 4.75
C VAL A 258 -24.94 -8.09 4.62
N ILE A 259 -24.07 -7.82 3.65
CA ILE A 259 -22.87 -8.62 3.44
C ILE A 259 -21.76 -7.84 4.12
N PRO A 260 -21.29 -8.31 5.29
CA PRO A 260 -20.23 -7.61 6.02
C PRO A 260 -19.01 -7.26 5.18
N VAL A 261 -18.76 -5.96 5.03
CA VAL A 261 -17.62 -5.47 4.27
C VAL A 261 -16.91 -4.47 5.17
N ASP A 262 -15.62 -4.67 5.37
CA ASP A 262 -14.84 -3.79 6.24
C ASP A 262 -13.35 -3.96 5.99
N GLY A 263 -12.57 -3.01 6.48
CA GLY A 263 -11.14 -3.08 6.31
C GLY A 263 -10.45 -1.76 6.54
N LEU A 264 -9.30 -1.56 5.89
CA LEU A 264 -8.54 -0.34 6.03
C LEU A 264 -8.24 0.31 4.68
N CYS A 265 -8.63 1.57 4.54
CA CYS A 265 -8.40 2.33 3.31
C CYS A 265 -7.17 3.21 3.51
N VAL A 266 -6.10 2.90 2.80
CA VAL A 266 -4.85 3.64 2.90
C VAL A 266 -4.46 4.35 1.60
N ARG A 267 -3.93 5.56 1.73
CA ARG A 267 -3.50 6.35 0.59
C ARG A 267 -2.00 6.14 0.38
N VAL A 268 -1.59 5.83 -0.84
CA VAL A 268 -0.18 5.60 -1.14
C VAL A 268 0.33 6.41 -2.32
N GLY A 269 1.64 6.30 -2.58
CA GLY A 269 2.25 7.02 -3.67
C GLY A 269 1.80 6.57 -5.05
N ALA A 270 0.78 5.72 -5.12
CA ALA A 270 0.31 5.24 -6.42
C ALA A 270 -0.20 6.44 -7.21
N LEU A 271 0.27 6.56 -8.45
CA LEU A 271 -0.11 7.68 -9.28
C LEU A 271 -1.56 7.70 -9.75
N ARG A 272 -2.02 6.63 -10.39
CA ARG A 272 -3.39 6.63 -10.91
C ARG A 272 -4.35 5.48 -10.62
N CYS A 273 -3.87 4.26 -10.43
CA CYS A 273 -4.80 3.15 -10.21
C CYS A 273 -5.03 2.81 -8.73
N HIS A 274 -6.17 2.22 -8.43
CA HIS A 274 -6.53 1.81 -7.06
C HIS A 274 -6.44 0.29 -6.93
N SER A 275 -5.58 -0.18 -6.04
CA SER A 275 -5.42 -1.62 -5.83
C SER A 275 -5.94 -2.04 -4.47
N GLN A 276 -6.43 -3.27 -4.39
CA GLN A 276 -7.00 -3.78 -3.13
C GLN A 276 -6.63 -5.22 -2.83
N ALA A 277 -6.32 -5.48 -1.57
CA ALA A 277 -5.96 -6.83 -1.11
C ALA A 277 -7.10 -7.37 -0.27
N PHE A 278 -7.73 -8.44 -0.74
CA PHE A 278 -8.87 -9.02 -0.03
C PHE A 278 -8.58 -10.29 0.74
N THR A 279 -9.49 -10.58 1.67
CA THR A 279 -9.47 -11.78 2.50
C THR A 279 -10.96 -12.08 2.60
N ILE A 280 -11.52 -12.65 1.55
CA ILE A 280 -12.93 -12.98 1.52
C ILE A 280 -13.25 -14.34 2.10
N LYS A 281 -14.37 -14.41 2.84
CA LYS A 281 -14.81 -15.65 3.43
C LYS A 281 -16.02 -16.14 2.66
N LEU A 282 -15.86 -17.29 2.00
CA LEU A 282 -16.94 -17.89 1.22
C LEU A 282 -17.93 -18.66 2.07
N LYS A 283 -19.18 -18.74 1.60
CA LYS A 283 -20.21 -19.46 2.31
C LYS A 283 -19.97 -20.96 2.23
N LYS A 284 -19.43 -21.40 1.10
CA LYS A 284 -19.12 -22.81 0.87
C LYS A 284 -17.69 -22.91 0.35
N ASP A 285 -17.13 -24.11 0.38
CA ASP A 285 -15.77 -24.29 -0.11
C ASP A 285 -15.78 -24.42 -1.62
N VAL A 286 -15.70 -23.28 -2.30
CA VAL A 286 -15.70 -23.24 -3.75
C VAL A 286 -14.27 -23.37 -4.28
N SER A 287 -14.07 -24.24 -5.27
CA SER A 287 -12.76 -24.43 -5.83
C SER A 287 -12.32 -23.17 -6.56
N ILE A 288 -11.03 -22.85 -6.47
CA ILE A 288 -10.51 -21.66 -7.12
C ILE A 288 -10.81 -21.66 -8.62
N PRO A 289 -10.71 -22.81 -9.30
CA PRO A 289 -11.01 -22.78 -10.73
C PRO A 289 -12.46 -22.34 -10.99
N THR A 290 -13.36 -22.71 -10.08
CA THR A 290 -14.75 -22.33 -10.21
C THR A 290 -14.82 -20.82 -10.01
N VAL A 291 -14.17 -20.36 -8.95
CA VAL A 291 -14.12 -18.94 -8.64
C VAL A 291 -13.64 -18.15 -9.86
N GLU A 292 -12.47 -18.50 -10.37
CA GLU A 292 -11.88 -17.83 -11.52
C GLU A 292 -12.85 -17.82 -12.70
N GLU A 293 -13.45 -18.97 -12.97
CA GLU A 293 -14.40 -19.10 -14.07
C GLU A 293 -15.57 -18.16 -13.86
N LEU A 294 -16.00 -18.02 -12.61
CA LEU A 294 -17.12 -17.15 -12.26
C LEU A 294 -16.76 -15.68 -12.47
N LEU A 295 -15.67 -15.25 -11.82
CA LEU A 295 -15.21 -13.89 -11.93
C LEU A 295 -15.10 -13.44 -13.38
N ALA A 296 -14.55 -14.31 -14.21
CA ALA A 296 -14.38 -14.01 -15.63
C ALA A 296 -15.69 -14.04 -16.39
N ALA A 297 -16.61 -14.88 -15.94
CA ALA A 297 -17.91 -15.03 -16.59
C ALA A 297 -18.94 -13.98 -16.15
N HIS A 298 -18.52 -13.03 -15.33
CA HIS A 298 -19.44 -11.99 -14.85
C HIS A 298 -19.51 -10.77 -15.77
N ASN A 299 -18.35 -10.28 -16.20
CA ASN A 299 -18.29 -9.12 -17.08
C ASN A 299 -16.99 -9.09 -17.87
N PRO A 300 -17.04 -8.66 -19.15
CA PRO A 300 -15.91 -8.57 -20.06
C PRO A 300 -14.67 -7.82 -19.57
N TRP A 301 -14.80 -7.08 -18.47
CA TRP A 301 -13.65 -6.33 -17.97
C TRP A 301 -12.97 -7.04 -16.81
N ALA A 302 -13.70 -7.94 -16.16
CA ALA A 302 -13.14 -8.71 -15.05
C ALA A 302 -12.15 -9.70 -15.66
N LYS A 303 -10.87 -9.41 -15.49
CA LYS A 303 -9.84 -10.30 -16.03
C LYS A 303 -9.05 -10.96 -14.92
N VAL A 304 -9.07 -12.28 -14.90
CA VAL A 304 -8.37 -13.05 -13.89
C VAL A 304 -6.91 -13.27 -14.29
N VAL A 305 -6.00 -12.87 -13.41
CA VAL A 305 -4.58 -13.03 -13.67
C VAL A 305 -4.08 -14.26 -12.91
N PRO A 306 -3.28 -15.11 -13.57
CA PRO A 306 -2.76 -16.32 -12.94
C PRO A 306 -1.80 -16.00 -11.80
N ASN A 307 -1.71 -16.90 -10.82
CA ASN A 307 -0.83 -16.68 -9.68
C ASN A 307 0.62 -16.90 -10.07
N ASP A 308 1.07 -16.14 -11.07
CA ASP A 308 2.43 -16.24 -11.58
C ASP A 308 3.24 -15.01 -11.15
N ARG A 309 4.45 -15.25 -10.66
CA ARG A 309 5.31 -14.16 -10.20
C ARG A 309 5.64 -13.19 -11.32
N GLU A 310 5.87 -13.72 -12.51
CA GLU A 310 6.20 -12.90 -13.66
C GLU A 310 4.99 -12.11 -14.12
N ILE A 311 3.95 -12.84 -14.53
CA ILE A 311 2.72 -12.22 -15.01
C ILE A 311 2.19 -11.17 -14.04
N THR A 312 2.10 -11.52 -12.76
CA THR A 312 1.60 -10.62 -11.74
C THR A 312 2.32 -9.28 -11.76
N MET A 313 3.65 -9.31 -11.84
CA MET A 313 4.46 -8.09 -11.87
C MET A 313 4.19 -7.30 -13.14
N ARG A 314 3.98 -8.01 -14.24
CA ARG A 314 3.75 -7.38 -15.53
C ARG A 314 2.32 -6.91 -15.80
N GLU A 315 1.36 -7.40 -15.02
CA GLU A 315 -0.03 -7.02 -15.24
C GLU A 315 -0.83 -6.52 -14.04
N LEU A 316 -0.64 -7.15 -12.88
CA LEU A 316 -1.36 -6.73 -11.68
C LEU A 316 -0.68 -5.55 -11.00
N THR A 317 -0.54 -4.46 -11.76
CA THR A 317 0.11 -3.27 -11.25
C THR A 317 -0.48 -2.03 -11.94
N PRO A 318 -0.64 -0.93 -11.20
CA PRO A 318 -1.20 0.32 -11.74
C PRO A 318 -0.61 0.69 -13.11
N ALA A 319 0.71 0.58 -13.21
CA ALA A 319 1.41 0.90 -14.46
C ALA A 319 0.88 0.13 -15.66
N ALA A 320 0.37 -1.07 -15.42
CA ALA A 320 -0.15 -1.88 -16.51
C ALA A 320 -1.65 -1.78 -16.69
N VAL A 321 -2.31 -0.98 -15.86
CA VAL A 321 -3.77 -0.84 -15.97
C VAL A 321 -4.18 0.61 -16.22
N THR A 322 -3.53 1.54 -15.55
CA THR A 322 -3.81 2.97 -15.68
C THR A 322 -4.16 3.36 -17.12
N GLY A 323 -5.42 3.67 -17.36
CA GLY A 323 -5.84 4.07 -18.70
C GLY A 323 -6.63 3.00 -19.43
N THR A 324 -6.80 1.85 -18.79
CA THR A 324 -7.55 0.77 -19.39
C THR A 324 -8.86 0.53 -18.67
N LEU A 325 -9.80 -0.09 -19.37
CA LEU A 325 -11.12 -0.39 -18.81
C LEU A 325 -11.14 -1.76 -18.16
N THR A 326 -9.97 -2.39 -18.07
CA THR A 326 -9.86 -3.71 -17.48
C THR A 326 -9.69 -3.63 -15.96
N THR A 327 -10.32 -4.55 -15.25
CA THR A 327 -10.24 -4.59 -13.80
C THR A 327 -9.74 -5.98 -13.35
N PRO A 328 -8.41 -6.18 -13.43
CA PRO A 328 -7.74 -7.43 -13.07
C PRO A 328 -7.87 -7.90 -11.62
N VAL A 329 -7.80 -9.22 -11.45
CA VAL A 329 -7.86 -9.86 -10.15
C VAL A 329 -6.80 -10.96 -10.20
N GLY A 330 -5.89 -10.94 -9.24
CA GLY A 330 -4.84 -11.94 -9.22
C GLY A 330 -4.57 -12.40 -7.79
N ARG A 331 -3.49 -13.15 -7.62
CA ARG A 331 -3.11 -13.67 -6.32
C ARG A 331 -4.32 -14.36 -5.68
N LEU A 332 -5.05 -15.11 -6.51
CA LEU A 332 -6.22 -15.85 -6.07
C LEU A 332 -5.84 -17.23 -5.57
N ARG A 333 -6.23 -17.53 -4.33
CA ARG A 333 -5.94 -18.82 -3.74
C ARG A 333 -6.54 -18.88 -2.34
N LYS A 334 -6.49 -20.05 -1.73
CA LYS A 334 -7.02 -20.22 -0.39
C LYS A 334 -5.99 -19.84 0.65
N LEU A 335 -6.43 -19.21 1.72
CA LEU A 335 -5.54 -18.80 2.78
C LEU A 335 -5.35 -19.96 3.76
N ASN A 336 -4.25 -19.93 4.50
CA ASN A 336 -3.93 -20.99 5.44
C ASN A 336 -5.00 -21.23 6.49
N MET A 337 -5.83 -20.23 6.77
CA MET A 337 -6.90 -20.35 7.76
C MET A 337 -7.92 -21.44 7.42
N GLY A 338 -8.00 -21.78 6.14
CA GLY A 338 -8.95 -22.79 5.71
C GLY A 338 -9.39 -22.57 4.28
N PRO A 339 -10.05 -23.57 3.66
CA PRO A 339 -10.54 -23.51 2.28
C PRO A 339 -11.70 -22.55 2.04
N GLU A 340 -12.25 -21.99 3.10
CA GLU A 340 -13.35 -21.05 2.95
C GLU A 340 -12.83 -19.62 2.88
N PHE A 341 -11.53 -19.47 3.05
CA PHE A 341 -10.89 -18.17 3.00
C PHE A 341 -10.19 -17.95 1.68
N LEU A 342 -10.76 -17.10 0.83
CA LEU A 342 -10.19 -16.82 -0.46
C LEU A 342 -9.39 -15.53 -0.42
N SER A 343 -8.17 -15.56 -0.94
CA SER A 343 -7.33 -14.39 -0.95
C SER A 343 -7.26 -13.85 -2.37
N ALA A 344 -7.51 -12.56 -2.52
CA ALA A 344 -7.47 -11.94 -3.83
C ALA A 344 -6.82 -10.56 -3.79
N PHE A 345 -6.36 -10.11 -4.94
CA PHE A 345 -5.73 -8.79 -5.06
C PHE A 345 -6.14 -8.19 -6.40
N THR A 346 -6.89 -7.10 -6.35
CA THR A 346 -7.37 -6.43 -7.56
C THR A 346 -6.68 -5.11 -7.82
N VAL A 347 -6.84 -4.63 -9.04
CA VAL A 347 -6.28 -3.35 -9.47
C VAL A 347 -7.17 -2.82 -10.58
N GLY A 348 -7.38 -1.51 -10.59
CA GLY A 348 -8.22 -0.93 -11.62
C GLY A 348 -8.19 0.59 -11.61
N ASP A 349 -8.31 1.18 -12.79
CA ASP A 349 -8.33 2.63 -12.91
C ASP A 349 -9.64 3.07 -12.27
N GLN A 350 -9.54 3.90 -11.24
CA GLN A 350 -10.73 4.37 -10.53
C GLN A 350 -11.32 5.61 -11.19
N LEU A 351 -10.69 6.05 -12.28
CA LEU A 351 -11.18 7.23 -12.97
C LEU A 351 -12.08 6.80 -14.12
N LEU A 352 -11.96 5.55 -14.51
CA LEU A 352 -12.76 5.02 -15.58
C LEU A 352 -13.95 4.28 -14.99
N TRP A 353 -13.73 3.01 -14.68
CA TRP A 353 -14.78 2.19 -14.09
C TRP A 353 -15.12 2.67 -12.70
N GLY A 354 -14.15 3.28 -12.05
CA GLY A 354 -14.37 3.78 -10.71
C GLY A 354 -14.95 5.19 -10.72
N ALA A 355 -15.07 5.78 -11.90
CA ALA A 355 -15.59 7.13 -12.02
C ALA A 355 -16.38 7.41 -13.30
N ALA A 356 -15.67 7.90 -14.32
CA ALA A 356 -16.27 8.27 -15.60
C ALA A 356 -17.13 7.28 -16.36
N GLU A 357 -16.65 6.05 -16.52
CA GLU A 357 -17.39 5.05 -17.29
C GLU A 357 -18.83 4.81 -16.86
N PRO A 358 -19.06 4.59 -15.56
CA PRO A 358 -20.43 4.34 -15.10
C PRO A 358 -21.40 5.44 -15.56
N LEU A 359 -20.98 6.69 -15.38
CA LEU A 359 -21.80 7.83 -15.79
C LEU A 359 -21.97 7.82 -17.30
N ARG A 360 -20.85 7.83 -18.01
CA ARG A 360 -20.87 7.82 -19.46
C ARG A 360 -21.87 6.80 -19.99
N ARG A 361 -21.80 5.58 -19.48
CA ARG A 361 -22.71 4.53 -19.91
C ARG A 361 -24.17 4.89 -19.56
N MET A 362 -24.38 5.45 -18.37
CA MET A 362 -25.72 5.81 -17.95
C MET A 362 -26.29 6.94 -18.79
N LEU A 363 -25.46 7.91 -19.12
CA LEU A 363 -25.91 9.02 -19.93
C LEU A 363 -26.47 8.52 -21.24
N ARG A 364 -25.77 7.58 -21.86
CA ARG A 364 -26.20 7.02 -23.14
C ARG A 364 -27.54 6.31 -23.02
N GLN A 365 -27.88 5.86 -21.81
CA GLN A 365 -29.13 5.17 -21.58
C GLN A 365 -30.31 6.15 -21.64
N LEU A 366 -30.09 7.36 -21.14
CA LEU A 366 -31.12 8.39 -21.09
C LEU A 366 -31.10 9.35 -22.28
N ALA A 367 -30.05 9.28 -23.08
CA ALA A 367 -29.92 10.15 -24.24
C ALA A 367 -31.06 9.88 -25.23
N MET B 1 37.65 -8.87 25.59
CA MET B 1 37.83 -8.20 24.27
C MET B 1 37.79 -9.22 23.15
N LYS B 2 36.60 -9.71 22.87
CA LYS B 2 36.40 -10.71 21.82
C LYS B 2 36.69 -10.16 20.43
N ASN B 3 37.10 -11.07 19.54
CA ASN B 3 37.40 -10.70 18.16
C ASN B 3 36.12 -10.81 17.34
N VAL B 4 35.39 -9.70 17.27
CA VAL B 4 34.15 -9.65 16.51
C VAL B 4 34.40 -9.15 15.10
N GLY B 5 34.10 -9.99 14.12
CA GLY B 5 34.31 -9.63 12.73
C GLY B 5 33.01 -9.10 12.15
N PHE B 6 33.11 -8.09 11.30
CA PHE B 6 31.93 -7.50 10.69
C PHE B 6 31.98 -7.62 9.17
N ILE B 7 30.92 -8.17 8.59
CA ILE B 7 30.85 -8.34 7.15
C ILE B 7 29.58 -7.72 6.59
N GLY B 8 29.71 -7.08 5.42
CA GLY B 8 28.56 -6.44 4.80
C GLY B 8 28.00 -5.26 5.57
N TRP B 9 28.89 -4.43 6.11
CA TRP B 9 28.49 -3.27 6.89
C TRP B 9 28.26 -2.04 6.02
N ARG B 10 28.52 -2.20 4.72
CA ARG B 10 28.37 -1.10 3.78
C ARG B 10 26.93 -0.86 3.35
N GLY B 11 26.19 -1.94 3.15
CA GLY B 11 24.81 -1.83 2.72
C GLY B 11 23.80 -1.17 3.63
N MET B 12 22.60 -0.98 3.09
CA MET B 12 21.49 -0.36 3.79
C MET B 12 21.37 -0.82 5.25
N VAL B 13 21.78 -2.05 5.55
CA VAL B 13 21.70 -2.57 6.90
C VAL B 13 22.97 -2.28 7.69
N GLY B 14 24.09 -2.81 7.20
CA GLY B 14 25.36 -2.59 7.86
C GLY B 14 25.53 -1.14 8.27
N SER B 15 25.17 -0.23 7.39
CA SER B 15 25.27 1.20 7.67
C SER B 15 24.49 1.49 8.93
N VAL B 16 23.20 1.15 8.93
CA VAL B 16 22.34 1.37 10.08
C VAL B 16 22.94 0.72 11.32
N LEU B 17 23.26 -0.56 11.22
CA LEU B 17 23.83 -1.29 12.34
C LEU B 17 25.08 -0.59 12.86
N MET B 18 25.93 -0.13 11.95
CA MET B 18 27.16 0.57 12.31
C MET B 18 26.85 1.86 13.06
N GLN B 19 26.05 2.71 12.42
CA GLN B 19 25.66 3.98 13.00
C GLN B 19 25.09 3.81 14.41
N ARG B 20 24.35 2.72 14.61
CA ARG B 20 23.74 2.45 15.91
C ARG B 20 24.77 2.05 16.96
N MET B 21 25.70 1.18 16.58
CA MET B 21 26.73 0.71 17.49
C MET B 21 27.57 1.86 18.05
N VAL B 22 27.77 2.89 17.24
CA VAL B 22 28.53 4.05 17.68
C VAL B 22 27.71 4.73 18.77
N GLU B 23 26.47 5.05 18.41
CA GLU B 23 25.55 5.71 19.32
C GLU B 23 25.55 5.05 20.70
N GLU B 24 25.40 3.73 20.71
CA GLU B 24 25.37 2.99 21.97
C GLU B 24 26.74 2.63 22.54
N ARG B 25 27.80 3.11 21.89
CA ARG B 25 29.15 2.82 22.37
C ARG B 25 29.36 1.30 22.42
N ASP B 26 28.81 0.60 21.42
CA ASP B 26 28.91 -0.86 21.34
C ASP B 26 30.35 -1.35 21.09
N PHE B 27 31.08 -0.63 20.25
CA PHE B 27 32.44 -1.01 19.89
C PHE B 27 33.42 -1.07 21.06
N ASP B 28 33.12 -0.35 22.14
CA ASP B 28 34.01 -0.30 23.29
C ASP B 28 34.30 -1.61 23.99
N ALA B 29 33.37 -2.56 23.94
CA ALA B 29 33.57 -3.84 24.60
C ALA B 29 34.02 -4.94 23.65
N ILE B 30 34.41 -4.57 22.44
CA ILE B 30 34.83 -5.56 21.47
C ILE B 30 35.94 -5.09 20.52
N ARG B 31 36.76 -6.03 20.08
CA ARG B 31 37.85 -5.75 19.14
C ARG B 31 37.29 -6.05 17.75
N PRO B 32 36.76 -5.02 17.07
CA PRO B 32 36.20 -5.21 15.72
C PRO B 32 37.19 -5.50 14.61
N VAL B 33 36.64 -5.80 13.44
CA VAL B 33 37.39 -6.08 12.22
C VAL B 33 36.40 -5.78 11.10
N PHE B 34 36.88 -5.50 9.89
CA PHE B 34 35.97 -5.17 8.80
C PHE B 34 36.37 -5.74 7.44
N PHE B 35 35.68 -6.79 7.04
CA PHE B 35 35.94 -7.45 5.76
C PHE B 35 35.09 -6.83 4.66
N SER B 36 35.20 -7.38 3.46
CA SER B 36 34.44 -6.92 2.31
C SER B 36 34.56 -7.90 1.14
N THR B 37 33.58 -7.89 0.26
CA THR B 37 33.55 -8.78 -0.90
C THR B 37 33.61 -8.02 -2.22
N SER B 38 33.92 -6.73 -2.17
CA SER B 38 33.99 -5.94 -3.39
C SER B 38 35.00 -4.80 -3.35
N GLN B 39 35.54 -4.51 -2.18
CA GLN B 39 36.51 -3.42 -2.05
C GLN B 39 37.71 -3.81 -1.19
N LEU B 40 38.09 -5.08 -1.24
CA LEU B 40 39.22 -5.54 -0.46
C LEU B 40 40.42 -4.63 -0.72
N GLY B 41 41.13 -4.28 0.36
CA GLY B 41 42.30 -3.42 0.21
C GLY B 41 42.08 -1.95 0.54
N GLN B 42 40.88 -1.43 0.24
CA GLN B 42 40.58 -0.03 0.51
C GLN B 42 40.52 0.30 2.00
N ALA B 43 40.02 1.49 2.33
CA ALA B 43 39.94 1.98 3.72
C ALA B 43 38.97 1.23 4.64
N ALA B 44 39.33 1.16 5.93
CA ALA B 44 38.52 0.52 6.95
C ALA B 44 37.62 1.58 7.60
N PRO B 45 36.46 1.17 8.14
CA PRO B 45 35.47 2.02 8.80
C PRO B 45 35.95 3.08 9.80
N SER B 46 36.86 2.70 10.70
CA SER B 46 37.38 3.60 11.73
C SER B 46 36.28 3.90 12.75
N PHE B 47 35.56 2.87 13.17
CA PHE B 47 34.46 3.02 14.12
C PHE B 47 34.90 2.98 15.57
N GLY B 48 35.14 1.76 16.05
CA GLY B 48 35.54 1.55 17.44
C GLY B 48 37.03 1.58 17.68
N GLY B 49 37.62 2.73 17.42
CA GLY B 49 39.05 2.91 17.60
C GLY B 49 39.83 1.88 16.80
N THR B 50 39.26 1.46 15.69
CA THR B 50 39.90 0.47 14.84
C THR B 50 39.83 0.84 13.36
N THR B 51 40.85 1.56 12.91
CA THR B 51 40.93 1.98 11.51
C THR B 51 41.99 1.12 10.81
N GLY B 52 41.75 0.83 9.53
CA GLY B 52 42.69 0.03 8.77
C GLY B 52 42.32 -0.12 7.31
N THR B 53 41.95 -1.33 6.93
CA THR B 53 41.56 -1.63 5.56
C THR B 53 40.63 -2.85 5.49
N LEU B 54 39.61 -2.76 4.65
CA LEU B 54 38.66 -3.86 4.48
C LEU B 54 39.43 -5.15 4.28
N GLN B 55 38.96 -6.22 4.90
CA GLN B 55 39.62 -7.53 4.79
C GLN B 55 38.82 -8.46 3.88
N ASP B 56 39.35 -9.66 3.68
CA ASP B 56 38.70 -10.65 2.83
C ASP B 56 37.65 -11.48 3.57
N ALA B 57 36.39 -11.22 3.24
CA ALA B 57 35.29 -11.94 3.85
C ALA B 57 35.22 -13.35 3.29
N PHE B 58 36.25 -13.75 2.54
CA PHE B 58 36.29 -15.08 1.93
C PHE B 58 37.48 -15.90 2.44
N ASP B 59 38.23 -15.33 3.38
CA ASP B 59 39.38 -16.03 3.93
C ASP B 59 38.98 -16.85 5.15
N LEU B 60 38.70 -18.14 4.93
CA LEU B 60 38.29 -19.03 6.00
C LEU B 60 39.22 -18.98 7.20
N GLU B 61 40.52 -19.06 6.94
CA GLU B 61 41.51 -19.02 8.00
C GLU B 61 41.32 -17.75 8.83
N ALA B 62 41.13 -16.63 8.13
CA ALA B 62 40.94 -15.33 8.77
C ALA B 62 39.66 -15.29 9.60
N LEU B 63 38.61 -15.93 9.09
CA LEU B 63 37.32 -15.95 9.79
C LEU B 63 37.38 -16.81 11.04
N LYS B 64 38.10 -17.92 10.95
CA LYS B 64 38.24 -18.85 12.06
C LYS B 64 38.91 -18.22 13.28
N ALA B 65 39.52 -17.06 13.09
CA ALA B 65 40.21 -16.37 14.18
C ALA B 65 39.28 -15.58 15.10
N LEU B 66 38.13 -15.17 14.57
CA LEU B 66 37.16 -14.39 15.32
C LEU B 66 36.26 -15.21 16.23
N ASP B 67 35.85 -14.62 17.35
CA ASP B 67 34.98 -15.28 18.30
C ASP B 67 33.52 -15.13 17.89
N ILE B 68 33.24 -14.09 17.12
CA ILE B 68 31.87 -13.84 16.65
C ILE B 68 31.93 -13.18 15.27
N ILE B 69 30.92 -13.45 14.45
CA ILE B 69 30.83 -12.87 13.11
C ILE B 69 29.44 -12.26 12.94
N VAL B 70 29.40 -11.04 12.44
CA VAL B 70 28.14 -10.34 12.22
C VAL B 70 28.04 -9.93 10.76
N THR B 71 27.20 -10.65 10.01
CA THR B 71 27.01 -10.37 8.59
C THR B 71 25.71 -9.68 8.25
N CYS B 72 25.82 -8.67 7.38
CA CYS B 72 24.67 -7.92 6.90
C CYS B 72 24.84 -7.93 5.40
N GLN B 73 25.77 -8.78 4.95
CA GLN B 73 26.10 -8.94 3.54
C GLN B 73 24.90 -9.45 2.74
N GLY B 74 24.49 -10.69 3.02
CA GLY B 74 23.36 -11.26 2.31
C GLY B 74 23.36 -12.77 2.28
N GLY B 75 22.24 -13.35 1.86
CA GLY B 75 22.12 -14.80 1.79
C GLY B 75 23.17 -15.50 0.95
N ASP B 76 23.48 -14.92 -0.21
CA ASP B 76 24.47 -15.50 -1.11
C ASP B 76 25.83 -15.72 -0.45
N TYR B 77 26.22 -14.79 0.41
CA TYR B 77 27.50 -14.91 1.11
C TYR B 77 27.40 -16.03 2.14
N THR B 78 26.38 -15.96 2.99
CA THR B 78 26.16 -16.97 4.02
C THR B 78 26.22 -18.37 3.44
N ASN B 79 25.28 -18.67 2.55
CA ASN B 79 25.22 -19.97 1.92
C ASN B 79 26.59 -20.42 1.44
N GLU B 80 27.43 -19.46 1.10
CA GLU B 80 28.77 -19.72 0.59
C GLU B 80 29.84 -19.98 1.65
N ILE B 81 29.94 -19.10 2.63
CA ILE B 81 30.95 -19.23 3.67
C ILE B 81 30.59 -20.05 4.90
N TYR B 82 29.39 -19.85 5.44
CA TYR B 82 28.97 -20.56 6.65
C TYR B 82 29.18 -22.08 6.65
N PRO B 83 28.63 -22.79 5.66
CA PRO B 83 28.81 -24.25 5.64
C PRO B 83 30.29 -24.63 5.66
N LYS B 84 31.06 -23.98 4.80
CA LYS B 84 32.48 -24.22 4.68
C LYS B 84 33.21 -23.89 5.97
N LEU B 85 32.78 -22.83 6.64
CA LEU B 85 33.39 -22.42 7.89
C LEU B 85 33.09 -23.39 9.02
N ARG B 86 31.82 -23.68 9.25
CA ARG B 86 31.44 -24.62 10.30
C ARG B 86 32.15 -25.95 10.09
N GLU B 87 32.43 -26.27 8.83
CA GLU B 87 33.11 -27.51 8.51
C GLU B 87 34.53 -27.44 9.06
N SER B 88 35.22 -26.34 8.74
CA SER B 88 36.58 -26.14 9.20
C SER B 88 36.73 -26.35 10.69
N GLY B 89 35.58 -26.46 11.38
CA GLY B 89 35.60 -26.66 12.82
C GLY B 89 35.36 -25.40 13.62
N TRP B 90 35.02 -24.30 12.94
CA TRP B 90 34.76 -23.04 13.63
C TRP B 90 33.62 -23.21 14.61
N GLN B 91 33.89 -22.92 15.87
CA GLN B 91 32.90 -23.05 16.93
C GLN B 91 32.43 -21.69 17.43
N GLY B 92 32.69 -20.65 16.65
CA GLY B 92 32.29 -19.32 17.06
C GLY B 92 30.81 -19.00 16.89
N TYR B 93 30.45 -17.77 17.22
CA TYR B 93 29.06 -17.33 17.10
C TYR B 93 28.87 -16.65 15.75
N TRP B 94 27.72 -16.91 15.14
CA TRP B 94 27.40 -16.34 13.84
C TRP B 94 26.07 -15.60 13.92
N ILE B 95 26.14 -14.27 13.90
CA ILE B 95 24.95 -13.43 13.95
C ILE B 95 24.67 -12.97 12.53
N ASP B 96 23.53 -13.38 11.99
CA ASP B 96 23.16 -13.04 10.62
C ASP B 96 21.87 -12.23 10.51
N ALA B 97 21.72 -11.57 9.36
CA ALA B 97 20.54 -10.77 9.08
C ALA B 97 19.86 -11.41 7.87
N ALA B 98 20.62 -12.27 7.19
CA ALA B 98 20.14 -12.96 5.99
C ALA B 98 19.22 -14.15 6.31
N SER B 99 18.20 -14.31 5.48
CA SER B 99 17.21 -15.37 5.66
C SER B 99 17.76 -16.79 5.63
N SER B 100 18.80 -17.00 4.82
CA SER B 100 19.42 -18.31 4.65
C SER B 100 19.21 -19.33 5.78
N LEU B 101 19.92 -19.14 6.89
CA LEU B 101 19.84 -20.08 8.02
C LEU B 101 18.68 -19.92 9.01
N ARG B 102 17.74 -19.02 8.74
CA ARG B 102 16.61 -18.81 9.64
C ARG B 102 15.92 -20.12 10.01
N MET B 103 15.37 -20.81 9.01
CA MET B 103 14.66 -22.06 9.24
C MET B 103 15.57 -23.28 9.39
N LYS B 104 16.83 -23.06 9.76
CA LYS B 104 17.78 -24.16 9.94
C LYS B 104 17.82 -24.60 11.41
N ASP B 105 18.09 -25.89 11.62
CA ASP B 105 18.14 -26.45 12.98
C ASP B 105 19.17 -25.82 13.90
N ASP B 106 20.36 -25.56 13.38
CA ASP B 106 21.42 -24.97 14.20
C ASP B 106 21.31 -23.44 14.38
N ALA B 107 20.19 -22.87 13.96
CA ALA B 107 20.00 -21.43 14.09
C ALA B 107 18.75 -21.07 14.89
N ILE B 108 18.78 -19.87 15.45
CA ILE B 108 17.65 -19.37 16.23
C ILE B 108 17.33 -17.97 15.71
N ILE B 109 16.04 -17.72 15.47
CA ILE B 109 15.58 -16.41 14.98
C ILE B 109 15.42 -15.51 16.19
N ILE B 110 16.20 -14.45 16.25
CA ILE B 110 16.19 -13.53 17.40
C ILE B 110 15.32 -12.28 17.33
N LEU B 111 14.62 -12.03 18.44
CA LEU B 111 13.78 -10.86 18.62
C LEU B 111 13.68 -10.65 20.14
N ASP B 112 14.84 -10.39 20.74
CA ASP B 112 14.97 -10.17 22.18
C ASP B 112 13.69 -9.73 22.88
N PRO B 113 13.11 -8.60 22.48
CA PRO B 113 11.88 -8.14 23.13
C PRO B 113 10.73 -9.16 23.09
N VAL B 114 10.68 -9.94 22.01
CA VAL B 114 9.61 -10.92 21.84
C VAL B 114 9.92 -12.33 22.30
N ASN B 115 11.15 -12.78 22.13
CA ASN B 115 11.49 -14.14 22.52
C ASN B 115 12.83 -14.34 23.23
N GLN B 116 13.08 -13.56 24.28
CA GLN B 116 14.34 -13.71 25.00
C GLN B 116 14.50 -15.14 25.54
N ASP B 117 13.46 -15.67 26.15
CA ASP B 117 13.51 -17.02 26.69
C ASP B 117 14.06 -18.02 25.67
N VAL B 118 13.43 -18.08 24.50
CA VAL B 118 13.87 -18.99 23.44
C VAL B 118 15.34 -18.78 23.12
N ILE B 119 15.74 -17.51 23.01
CA ILE B 119 17.11 -17.17 22.72
C ILE B 119 17.99 -17.82 23.78
N THR B 120 17.72 -17.48 25.04
CA THR B 120 18.47 -18.01 26.16
C THR B 120 18.53 -19.53 26.17
N ASP B 121 17.38 -20.19 26.10
CA ASP B 121 17.35 -21.64 26.10
C ASP B 121 18.30 -22.14 25.03
N GLY B 122 18.10 -21.64 23.82
CA GLY B 122 18.96 -22.04 22.72
C GLY B 122 20.42 -21.79 23.01
N LEU B 123 20.69 -20.77 23.81
CA LEU B 123 22.07 -20.43 24.17
C LEU B 123 22.61 -21.52 25.09
N ASN B 124 21.79 -21.91 26.05
CA ASN B 124 22.16 -22.94 27.02
C ASN B 124 22.13 -24.33 26.40
N ASN B 125 21.60 -24.44 25.18
CA ASN B 125 21.51 -25.72 24.50
C ASN B 125 22.64 -25.91 23.48
N GLY B 126 23.46 -24.88 23.29
CA GLY B 126 24.57 -24.99 22.36
C GLY B 126 24.45 -24.25 21.04
N ILE B 127 23.31 -23.62 20.80
CA ILE B 127 23.12 -22.89 19.55
C ILE B 127 24.13 -21.76 19.45
N ARG B 128 24.83 -21.68 18.31
CA ARG B 128 25.85 -20.67 18.11
C ARG B 128 25.52 -19.73 16.96
N THR B 129 24.37 -19.94 16.32
CA THR B 129 23.95 -19.09 15.22
C THR B 129 22.63 -18.39 15.55
N PHE B 130 22.65 -17.07 15.49
CA PHE B 130 21.47 -16.28 15.79
C PHE B 130 21.12 -15.35 14.64
N VAL B 131 19.98 -15.62 14.02
CA VAL B 131 19.53 -14.84 12.87
C VAL B 131 18.30 -13.99 13.13
N GLY B 132 18.25 -12.83 12.49
CA GLY B 132 17.12 -11.94 12.64
C GLY B 132 16.08 -12.36 11.62
N GLY B 133 14.80 -12.24 11.98
CA GLY B 133 13.75 -12.63 11.05
C GLY B 133 13.43 -11.57 10.02
N ASN B 134 12.60 -11.94 9.05
CA ASN B 134 12.18 -11.03 7.99
C ASN B 134 11.73 -9.72 8.61
N CYS B 135 12.16 -8.60 8.01
CA CYS B 135 11.78 -7.30 8.53
C CYS B 135 10.30 -7.25 8.88
N THR B 136 9.46 -7.60 7.92
CA THR B 136 8.01 -7.59 8.11
C THR B 136 7.54 -8.33 9.37
N VAL B 137 7.87 -9.60 9.46
CA VAL B 137 7.48 -10.43 10.61
C VAL B 137 8.03 -9.81 11.90
N SER B 138 9.33 -9.55 11.89
CA SER B 138 10.03 -8.96 13.04
C SER B 138 9.30 -7.72 13.54
N LEU B 139 8.79 -6.94 12.58
CA LEU B 139 8.06 -5.71 12.90
C LEU B 139 6.68 -6.04 13.46
N MET B 140 6.00 -6.99 12.83
CA MET B 140 4.67 -7.39 13.28
C MET B 140 4.70 -7.84 14.74
N LEU B 141 5.63 -8.73 15.07
CA LEU B 141 5.75 -9.25 16.43
C LEU B 141 6.12 -8.18 17.44
N MET B 142 6.88 -7.17 17.01
CA MET B 142 7.27 -6.10 17.92
C MET B 142 6.06 -5.22 18.21
N SER B 143 5.21 -5.05 17.21
CA SER B 143 4.00 -4.22 17.33
C SER B 143 2.84 -4.97 17.97
N LEU B 144 2.61 -6.20 17.52
CA LEU B 144 1.51 -7.01 18.03
C LEU B 144 1.99 -8.09 19.00
N GLY B 145 3.15 -7.86 19.62
CA GLY B 145 3.70 -8.82 20.55
C GLY B 145 2.79 -9.22 21.69
N GLY B 146 2.11 -8.25 22.28
CA GLY B 146 1.22 -8.54 23.40
C GLY B 146 0.15 -9.57 23.14
N LEU B 147 -0.43 -9.54 21.94
CA LEU B 147 -1.48 -10.49 21.61
C LEU B 147 -1.00 -11.93 21.64
N PHE B 148 0.03 -12.23 20.85
CA PHE B 148 0.58 -13.58 20.81
C PHE B 148 1.00 -14.01 22.20
N ALA B 149 1.75 -13.14 22.87
CA ALA B 149 2.23 -13.42 24.21
C ALA B 149 1.14 -13.81 25.19
N ASN B 150 -0.12 -13.59 24.80
CA ASN B 150 -1.23 -13.95 25.68
C ASN B 150 -2.13 -15.02 25.08
N ASP B 151 -1.68 -15.62 23.98
CA ASP B 151 -2.44 -16.67 23.32
C ASP B 151 -3.84 -16.18 22.95
N LEU B 152 -3.91 -14.96 22.43
CA LEU B 152 -5.16 -14.35 22.04
C LEU B 152 -5.40 -14.43 20.53
N VAL B 153 -4.38 -14.88 19.80
CA VAL B 153 -4.48 -14.96 18.34
C VAL B 153 -4.88 -16.34 17.81
N ASP B 154 -5.91 -16.36 16.97
CA ASP B 154 -6.40 -17.59 16.34
C ASP B 154 -5.68 -17.78 15.02
N TRP B 155 -5.59 -16.68 14.28
CA TRP B 155 -4.90 -16.63 12.99
C TRP B 155 -4.81 -15.18 12.55
N VAL B 156 -3.91 -14.89 11.62
CA VAL B 156 -3.71 -13.54 11.15
C VAL B 156 -3.73 -13.41 9.64
N SER B 157 -4.27 -12.30 9.15
CA SER B 157 -4.34 -12.02 7.72
C SER B 157 -3.70 -10.66 7.51
N VAL B 158 -2.56 -10.65 6.83
CA VAL B 158 -1.84 -9.40 6.60
C VAL B 158 -1.80 -8.97 5.13
N ALA B 159 -1.65 -7.66 4.95
CA ALA B 159 -1.53 -7.02 3.65
C ALA B 159 -0.47 -5.98 3.91
N THR B 160 0.74 -6.22 3.41
CA THR B 160 1.86 -5.32 3.67
C THR B 160 2.10 -4.19 2.68
N TYR B 161 2.55 -3.07 3.22
CA TYR B 161 2.90 -1.88 2.46
C TYR B 161 4.40 -1.75 2.71
N GLN B 162 5.17 -2.56 1.99
CA GLN B 162 6.61 -2.59 2.14
C GLN B 162 7.37 -1.51 1.38
N ALA B 163 8.35 -0.91 2.07
CA ALA B 163 9.17 0.17 1.52
C ALA B 163 10.25 -0.33 0.56
N ALA B 164 10.73 0.57 -0.29
CA ALA B 164 11.76 0.26 -1.27
C ALA B 164 13.08 -0.14 -0.63
N SER B 165 13.35 0.35 0.58
CA SER B 165 14.57 0.06 1.31
C SER B 165 14.73 -1.43 1.62
N GLY B 166 13.64 -2.17 1.49
CA GLY B 166 13.68 -3.59 1.77
C GLY B 166 14.55 -4.35 0.78
N GLY B 167 14.55 -3.87 -0.46
CA GLY B 167 15.34 -4.52 -1.50
C GLY B 167 16.81 -4.14 -1.49
N GLY B 168 17.18 -3.18 -0.65
CA GLY B 168 18.57 -2.76 -0.58
C GLY B 168 18.79 -1.35 -1.11
N ALA B 169 20.03 -0.89 -1.05
CA ALA B 169 20.38 0.44 -1.50
C ALA B 169 19.98 0.69 -2.95
N ARG B 170 20.55 -0.09 -3.87
CA ARG B 170 20.26 0.04 -5.29
C ARG B 170 18.76 0.18 -5.57
N HIS B 171 17.96 -0.52 -4.77
CA HIS B 171 16.50 -0.48 -4.91
C HIS B 171 15.94 0.88 -4.52
N MET B 172 16.40 1.39 -3.38
CA MET B 172 15.93 2.68 -2.91
C MET B 172 16.36 3.75 -3.91
N ARG B 173 17.65 3.81 -4.19
CA ARG B 173 18.19 4.79 -5.13
C ARG B 173 17.43 4.73 -6.44
N GLU B 174 16.99 3.54 -6.81
CA GLU B 174 16.24 3.37 -8.04
C GLU B 174 14.90 4.08 -7.94
N LEU B 175 14.18 3.81 -6.86
CA LEU B 175 12.89 4.45 -6.64
C LEU B 175 13.06 5.94 -6.72
N LEU B 176 13.95 6.47 -5.88
CA LEU B 176 14.24 7.89 -5.85
C LEU B 176 14.53 8.43 -7.24
N THR B 177 15.35 7.69 -7.99
CA THR B 177 15.71 8.10 -9.35
C THR B 177 14.46 8.09 -10.22
N GLN B 178 13.71 6.99 -10.16
CA GLN B 178 12.50 6.88 -10.95
C GLN B 178 11.59 8.05 -10.61
N MET B 179 11.59 8.44 -9.34
CA MET B 179 10.78 9.55 -8.86
C MET B 179 11.14 10.81 -9.64
N GLY B 180 12.44 11.13 -9.65
CA GLY B 180 12.91 12.31 -10.34
C GLY B 180 12.53 12.33 -11.80
N HIS B 181 12.72 11.20 -12.48
CA HIS B 181 12.38 11.09 -13.89
C HIS B 181 10.93 11.45 -14.11
N LEU B 182 10.07 10.91 -13.25
CA LEU B 182 8.63 11.16 -13.35
C LEU B 182 8.33 12.66 -13.26
N TYR B 183 8.75 13.29 -12.17
CA TYR B 183 8.50 14.72 -11.99
C TYR B 183 9.03 15.54 -13.15
N GLY B 184 10.33 15.45 -13.38
CA GLY B 184 10.97 16.20 -14.45
C GLY B 184 10.17 16.28 -15.73
N HIS B 185 9.73 15.13 -16.22
CA HIS B 185 8.96 15.08 -17.47
C HIS B 185 7.75 16.01 -17.47
N VAL B 186 7.32 16.46 -16.30
CA VAL B 186 6.16 17.36 -16.19
C VAL B 186 6.42 18.53 -15.26
N ALA B 187 7.69 18.91 -15.12
CA ALA B 187 8.06 20.02 -14.24
C ALA B 187 7.43 21.33 -14.68
N ASP B 188 7.32 21.53 -16.00
CA ASP B 188 6.74 22.75 -16.54
C ASP B 188 5.24 22.79 -16.36
N GLU B 189 4.56 21.69 -16.68
CA GLU B 189 3.12 21.61 -16.55
C GLU B 189 2.72 21.83 -15.10
N LEU B 190 3.56 21.34 -14.18
CA LEU B 190 3.31 21.49 -12.76
C LEU B 190 3.57 22.92 -12.36
N ALA B 191 4.47 23.57 -13.08
CA ALA B 191 4.82 24.97 -12.82
C ALA B 191 3.60 25.85 -13.06
N THR B 192 2.73 25.42 -13.97
CA THR B 192 1.51 26.16 -14.26
C THR B 192 0.39 25.37 -13.57
N PRO B 193 0.02 25.76 -12.35
CA PRO B 193 -1.04 25.07 -11.60
C PRO B 193 -2.43 25.11 -12.24
N SER B 194 -2.60 25.91 -13.29
CA SER B 194 -3.89 25.99 -13.95
C SER B 194 -4.01 25.14 -15.21
N SER B 195 -2.88 24.60 -15.67
CA SER B 195 -2.86 23.77 -16.86
C SER B 195 -3.74 22.53 -16.70
N ALA B 196 -4.08 21.90 -17.83
CA ALA B 196 -4.92 20.71 -17.84
C ALA B 196 -4.25 19.52 -17.15
N ILE B 197 -5.01 18.81 -16.33
CA ILE B 197 -4.48 17.66 -15.61
C ILE B 197 -4.19 16.46 -16.50
N LEU B 198 -5.01 16.25 -17.53
CA LEU B 198 -4.80 15.10 -18.41
C LEU B 198 -3.45 15.20 -19.11
N ASP B 199 -3.06 16.42 -19.49
CA ASP B 199 -1.77 16.62 -20.16
C ASP B 199 -0.65 16.10 -19.28
N ILE B 200 -0.70 16.47 -18.00
CA ILE B 200 0.29 16.04 -17.03
C ILE B 200 0.17 14.53 -16.87
N GLU B 201 -1.05 14.07 -16.70
CA GLU B 201 -1.31 12.65 -16.52
C GLU B 201 -0.78 11.83 -17.69
N ARG B 202 -1.21 12.16 -18.89
CA ARG B 202 -0.76 11.44 -20.09
C ARG B 202 0.76 11.35 -20.10
N LYS B 203 1.39 12.49 -19.84
CA LYS B 203 2.85 12.61 -19.83
C LYS B 203 3.61 11.68 -18.87
N VAL B 204 3.02 11.38 -17.72
CA VAL B 204 3.69 10.51 -16.76
C VAL B 204 3.35 9.05 -17.00
N THR B 205 2.16 8.80 -17.52
CA THR B 205 1.73 7.44 -17.80
C THR B 205 2.52 6.88 -18.97
N THR B 206 2.92 7.77 -19.89
CA THR B 206 3.69 7.38 -21.06
C THR B 206 5.10 6.99 -20.61
N LEU B 207 5.70 7.83 -19.78
CA LEU B 207 7.04 7.58 -19.28
C LEU B 207 7.13 6.21 -18.63
N THR B 208 6.23 5.94 -17.69
CA THR B 208 6.21 4.66 -17.00
C THR B 208 6.09 3.52 -18.00
N ARG B 209 5.01 3.53 -18.79
CA ARG B 209 4.76 2.49 -19.78
C ARG B 209 5.90 2.36 -20.77
N SER B 210 6.72 3.40 -20.88
CA SER B 210 7.87 3.34 -21.78
C SER B 210 9.05 2.81 -20.97
N GLY B 211 9.87 1.97 -21.59
CA GLY B 211 11.00 1.40 -20.88
C GLY B 211 12.10 2.38 -20.50
N GLU B 212 11.77 3.67 -20.46
CA GLU B 212 12.75 4.69 -20.12
C GLU B 212 13.08 4.78 -18.62
N LEU B 213 12.23 4.18 -17.79
CA LEU B 213 12.44 4.21 -16.34
C LEU B 213 13.41 3.13 -15.88
N PRO B 214 14.39 3.50 -15.04
CA PRO B 214 15.37 2.52 -14.54
C PRO B 214 14.68 1.49 -13.66
N VAL B 215 14.55 0.26 -14.16
CA VAL B 215 13.89 -0.80 -13.41
C VAL B 215 14.77 -2.04 -13.30
N ASP B 216 16.08 -1.82 -13.22
CA ASP B 216 17.03 -2.91 -13.11
C ASP B 216 16.85 -3.75 -11.85
N ASN B 217 16.68 -3.08 -10.72
CA ASN B 217 16.52 -3.76 -9.43
C ASN B 217 15.12 -4.22 -9.06
N PHE B 218 14.11 -3.80 -9.82
CA PHE B 218 12.74 -4.18 -9.52
C PHE B 218 12.03 -4.90 -10.66
N GLY B 219 12.59 -4.81 -11.85
CA GLY B 219 11.99 -5.46 -13.00
C GLY B 219 10.89 -4.61 -13.61
N VAL B 220 10.18 -3.87 -12.76
CA VAL B 220 9.11 -3.01 -13.22
C VAL B 220 9.14 -1.70 -12.43
N PRO B 221 8.54 -0.64 -12.99
CA PRO B 221 8.52 0.66 -12.29
C PRO B 221 7.79 0.57 -10.95
N LEU B 222 8.27 1.32 -9.96
CA LEU B 222 7.65 1.33 -8.64
C LEU B 222 7.29 2.74 -8.20
N ALA B 223 8.04 3.72 -8.71
CA ALA B 223 7.81 5.13 -8.36
C ALA B 223 6.33 5.48 -8.26
N GLY B 224 5.59 5.28 -9.35
CA GLY B 224 4.18 5.61 -9.33
C GLY B 224 3.20 4.45 -9.34
N SER B 225 3.62 3.28 -8.85
CA SER B 225 2.75 2.12 -8.81
C SER B 225 3.16 1.18 -7.67
N LEU B 226 2.87 -0.10 -7.81
CA LEU B 226 3.22 -1.07 -6.77
C LEU B 226 3.42 -2.46 -7.37
N ILE B 227 3.95 -3.38 -6.57
CA ILE B 227 4.18 -4.74 -7.03
C ILE B 227 3.65 -5.76 -6.02
N PRO B 228 2.65 -6.56 -6.42
CA PRO B 228 2.00 -7.60 -5.61
C PRO B 228 2.81 -8.89 -5.36
N TRP B 229 4.11 -8.85 -5.64
CA TRP B 229 4.95 -10.03 -5.43
C TRP B 229 6.34 -9.61 -4.98
N ILE B 230 6.73 -10.03 -3.79
CA ILE B 230 8.04 -9.67 -3.27
C ILE B 230 9.14 -10.70 -3.50
N ASP B 231 9.06 -11.84 -2.84
CA ASP B 231 10.11 -12.86 -3.03
C ASP B 231 9.81 -13.83 -4.16
N LYS B 232 10.65 -14.85 -4.28
CA LYS B 232 10.49 -15.86 -5.33
C LYS B 232 9.13 -16.54 -5.26
N GLN B 233 8.84 -17.34 -6.27
CA GLN B 233 7.58 -18.07 -6.33
C GLN B 233 7.75 -19.46 -5.71
N LEU B 234 6.90 -19.77 -4.74
CA LEU B 234 6.99 -21.06 -4.07
C LEU B 234 6.13 -22.09 -4.78
N ASP B 235 6.35 -23.36 -4.43
CA ASP B 235 5.63 -24.46 -5.04
C ASP B 235 4.13 -24.40 -4.76
N ASN B 236 3.71 -23.40 -4.00
CA ASN B 236 2.30 -23.21 -3.69
C ASN B 236 1.87 -21.85 -4.24
N GLY B 237 0.67 -21.40 -3.89
CA GLY B 237 0.22 -20.12 -4.39
C GLY B 237 0.82 -18.96 -3.64
N GLN B 238 1.62 -19.29 -2.62
CA GLN B 238 2.26 -18.29 -1.79
C GLN B 238 3.57 -17.80 -2.39
N SER B 239 3.91 -16.56 -2.08
CA SER B 239 5.15 -15.96 -2.55
C SER B 239 6.06 -16.11 -1.34
N ARG B 240 7.32 -16.48 -1.57
CA ARG B 240 8.26 -16.68 -0.47
C ARG B 240 8.16 -15.64 0.65
N GLU B 241 7.97 -14.36 0.28
CA GLU B 241 7.86 -13.30 1.27
C GLU B 241 6.66 -13.51 2.19
N GLU B 242 5.55 -13.97 1.63
CA GLU B 242 4.34 -14.21 2.41
C GLU B 242 4.50 -15.44 3.28
N TRP B 243 5.07 -16.50 2.69
CA TRP B 243 5.30 -17.76 3.37
C TRP B 243 6.16 -17.59 4.63
N LYS B 244 7.01 -16.57 4.61
CA LYS B 244 7.87 -16.29 5.76
C LYS B 244 7.01 -15.94 6.98
N GLY B 245 5.87 -15.32 6.72
CA GLY B 245 4.98 -14.92 7.79
C GLY B 245 4.65 -16.00 8.79
N GLN B 246 4.05 -17.08 8.33
CA GLN B 246 3.66 -18.17 9.21
C GLN B 246 4.84 -18.97 9.77
N ALA B 247 5.76 -19.36 8.89
CA ALA B 247 6.91 -20.16 9.30
C ALA B 247 7.74 -19.51 10.41
N GLU B 248 8.22 -18.30 10.16
CA GLU B 248 9.05 -17.59 11.14
C GLU B 248 8.32 -17.22 12.42
N THR B 249 7.06 -16.80 12.31
CA THR B 249 6.29 -16.41 13.48
C THR B 249 6.23 -17.53 14.52
N ASN B 250 6.01 -18.74 14.05
CA ASN B 250 5.92 -19.87 14.95
C ASN B 250 7.30 -20.29 15.46
N LYS B 251 8.32 -20.09 14.64
CA LYS B 251 9.68 -20.43 15.06
C LYS B 251 10.11 -19.48 16.16
N ILE B 252 9.98 -18.18 15.88
CA ILE B 252 10.35 -17.15 16.84
C ILE B 252 9.62 -17.37 18.16
N LEU B 253 8.29 -17.43 18.08
CA LEU B 253 7.45 -17.62 19.25
C LEU B 253 7.57 -19.01 19.86
N ASN B 254 8.12 -19.94 19.09
CA ASN B 254 8.27 -21.30 19.59
C ASN B 254 6.89 -21.78 20.01
N THR B 255 5.93 -21.70 19.09
CA THR B 255 4.55 -22.10 19.35
C THR B 255 4.36 -23.59 19.48
N SER B 256 3.40 -23.99 20.31
CA SER B 256 3.08 -25.39 20.52
C SER B 256 2.26 -25.87 19.33
N SER B 257 1.54 -24.93 18.72
CA SER B 257 0.70 -25.23 17.57
C SER B 257 0.74 -24.08 16.57
N VAL B 258 0.83 -24.42 15.29
CA VAL B 258 0.89 -23.44 14.22
C VAL B 258 -0.22 -22.39 14.31
N ILE B 259 0.18 -21.12 14.30
CA ILE B 259 -0.78 -20.01 14.32
C ILE B 259 -0.86 -19.55 12.87
N PRO B 260 -1.97 -19.88 12.19
CA PRO B 260 -2.13 -19.48 10.79
C PRO B 260 -1.85 -18.01 10.50
N VAL B 261 -0.82 -17.76 9.69
CA VAL B 261 -0.45 -16.41 9.30
C VAL B 261 -0.35 -16.42 7.79
N ASP B 262 -1.05 -15.51 7.15
CA ASP B 262 -1.05 -15.44 5.69
C ASP B 262 -1.57 -14.10 5.20
N GLY B 263 -1.31 -13.80 3.93
CA GLY B 263 -1.77 -12.54 3.38
C GLY B 263 -1.07 -12.18 2.08
N LEU B 264 -0.97 -10.89 1.81
CA LEU B 264 -0.32 -10.42 0.60
C LEU B 264 0.75 -9.38 0.90
N CYS B 265 1.96 -9.64 0.44
CA CYS B 265 3.09 -8.74 0.63
C CYS B 265 3.29 -7.92 -0.63
N VAL B 266 3.02 -6.61 -0.53
CA VAL B 266 3.16 -5.70 -1.67
C VAL B 266 4.24 -4.64 -1.46
N ARG B 267 4.95 -4.34 -2.54
CA ARG B 267 6.00 -3.32 -2.52
C ARG B 267 5.42 -2.00 -3.02
N VAL B 268 5.64 -0.92 -2.26
CA VAL B 268 5.12 0.39 -2.63
C VAL B 268 6.19 1.48 -2.65
N GLY B 269 5.77 2.68 -3.05
CA GLY B 269 6.68 3.81 -3.12
C GLY B 269 7.16 4.27 -1.76
N ALA B 270 6.88 3.51 -0.71
CA ALA B 270 7.32 3.89 0.62
C ALA B 270 8.84 3.92 0.59
N LEU B 271 9.42 4.95 1.19
CA LEU B 271 10.87 5.09 1.16
C LEU B 271 11.64 4.22 2.14
N ARG B 272 11.19 4.18 3.39
CA ARG B 272 11.93 3.40 4.39
C ARG B 272 11.13 2.56 5.38
N CYS B 273 9.88 2.93 5.65
CA CYS B 273 9.11 2.17 6.63
C CYS B 273 8.18 1.10 6.06
N HIS B 274 8.05 0.00 6.80
CA HIS B 274 7.19 -1.13 6.42
C HIS B 274 5.90 -1.05 7.26
N SER B 275 4.78 -0.82 6.58
CA SER B 275 3.48 -0.72 7.24
C SER B 275 2.65 -1.95 6.91
N GLN B 276 1.80 -2.36 7.84
CA GLN B 276 0.97 -3.55 7.65
C GLN B 276 -0.47 -3.38 8.14
N ALA B 277 -1.42 -3.89 7.35
CA ALA B 277 -2.83 -3.82 7.69
C ALA B 277 -3.30 -5.23 8.06
N PHE B 278 -3.69 -5.41 9.32
CA PHE B 278 -4.13 -6.72 9.79
C PHE B 278 -5.63 -6.92 9.94
N THR B 279 -6.01 -8.19 9.98
CA THR B 279 -7.38 -8.63 10.17
C THR B 279 -7.17 -9.88 11.01
N ILE B 280 -6.93 -9.67 12.29
CA ILE B 280 -6.68 -10.77 13.20
C ILE B 280 -7.94 -11.34 13.84
N LYS B 281 -7.97 -12.66 13.96
CA LYS B 281 -9.11 -13.35 14.56
C LYS B 281 -8.71 -13.82 15.95
N LEU B 282 -9.36 -13.26 16.97
CA LEU B 282 -9.08 -13.62 18.36
C LEU B 282 -9.79 -14.90 18.77
N LYS B 283 -9.19 -15.61 19.74
CA LYS B 283 -9.75 -16.84 20.25
C LYS B 283 -11.00 -16.54 21.07
N LYS B 284 -10.98 -15.42 21.78
CA LYS B 284 -12.09 -14.99 22.61
C LYS B 284 -12.40 -13.52 22.29
N ASP B 285 -13.57 -13.05 22.72
CA ASP B 285 -13.94 -11.67 22.46
C ASP B 285 -13.27 -10.77 23.49
N VAL B 286 -12.06 -10.34 23.18
CA VAL B 286 -11.31 -9.46 24.06
C VAL B 286 -11.64 -8.01 23.76
N SER B 287 -11.90 -7.23 24.81
CA SER B 287 -12.23 -5.82 24.63
C SER B 287 -11.01 -5.08 24.10
N ILE B 288 -11.24 -4.12 23.21
CA ILE B 288 -10.14 -3.34 22.64
C ILE B 288 -9.28 -2.68 23.73
N PRO B 289 -9.91 -2.16 24.80
CA PRO B 289 -9.08 -1.54 25.84
C PRO B 289 -8.10 -2.57 26.44
N THR B 290 -8.55 -3.81 26.54
CA THR B 290 -7.70 -4.87 27.09
C THR B 290 -6.57 -5.08 26.09
N VAL B 291 -6.94 -5.20 24.82
CA VAL B 291 -5.97 -5.40 23.74
C VAL B 291 -4.90 -4.32 23.79
N GLU B 292 -5.33 -3.05 23.74
CA GLU B 292 -4.41 -1.93 23.77
C GLU B 292 -3.50 -1.99 24.98
N GLU B 293 -4.08 -2.27 26.13
CA GLU B 293 -3.32 -2.36 27.37
C GLU B 293 -2.27 -3.45 27.26
N LEU B 294 -2.63 -4.55 26.61
CA LEU B 294 -1.72 -5.68 26.44
C LEU B 294 -0.58 -5.31 25.50
N LEU B 295 -0.94 -4.85 24.30
CA LEU B 295 0.04 -4.46 23.30
C LEU B 295 1.09 -3.52 23.89
N ALA B 296 0.63 -2.54 24.67
CA ALA B 296 1.53 -1.57 25.28
C ALA B 296 2.32 -2.17 26.43
N ALA B 297 1.73 -3.14 27.11
CA ALA B 297 2.38 -3.77 28.25
C ALA B 297 3.35 -4.89 27.85
N HIS B 298 3.56 -5.09 26.57
CA HIS B 298 4.47 -6.14 26.09
C HIS B 298 5.91 -5.69 25.98
N ASN B 299 6.14 -4.53 25.36
CA ASN B 299 7.48 -3.99 25.20
C ASN B 299 7.45 -2.47 25.02
N PRO B 300 8.44 -1.77 25.57
CA PRO B 300 8.58 -0.31 25.52
C PRO B 300 8.51 0.36 24.16
N TRP B 301 8.60 -0.43 23.09
CA TRP B 301 8.55 0.15 21.76
C TRP B 301 7.18 0.03 21.13
N ALA B 302 6.39 -0.91 21.63
CA ALA B 302 5.04 -1.11 21.12
C ALA B 302 4.22 0.08 21.59
N LYS B 303 3.92 1.00 20.69
CA LYS B 303 3.14 2.18 21.03
C LYS B 303 1.78 2.14 20.35
N VAL B 304 0.72 2.16 21.15
CA VAL B 304 -0.63 2.14 20.62
C VAL B 304 -1.10 3.55 20.27
N VAL B 305 -1.53 3.74 19.03
CA VAL B 305 -2.02 5.03 18.57
C VAL B 305 -3.55 5.02 18.61
N PRO B 306 -4.17 6.08 19.15
CA PRO B 306 -5.63 6.15 19.22
C PRO B 306 -6.27 6.23 17.83
N ASN B 307 -7.49 5.74 17.72
CA ASN B 307 -8.20 5.74 16.44
C ASN B 307 -8.67 7.16 16.10
N ASP B 308 -7.72 8.08 16.04
CA ASP B 308 -8.00 9.48 15.74
C ASP B 308 -7.52 9.82 14.33
N ARG B 309 -8.37 10.50 13.56
CA ARG B 309 -8.02 10.88 12.19
C ARG B 309 -6.78 11.78 12.14
N GLU B 310 -6.72 12.70 13.10
CA GLU B 310 -5.60 13.64 13.18
C GLU B 310 -4.33 12.92 13.58
N ILE B 311 -4.34 12.36 14.78
CA ILE B 311 -3.20 11.64 15.32
C ILE B 311 -2.66 10.59 14.35
N THR B 312 -3.55 9.76 13.80
CA THR B 312 -3.15 8.72 12.87
C THR B 312 -2.31 9.28 11.72
N MET B 313 -2.77 10.37 11.13
CA MET B 313 -2.06 11.00 10.02
C MET B 313 -0.70 11.52 10.46
N ARG B 314 -0.65 12.05 11.68
CA ARG B 314 0.58 12.61 12.22
C ARG B 314 1.56 11.61 12.82
N GLU B 315 1.12 10.39 13.09
CA GLU B 315 2.03 9.42 13.69
C GLU B 315 2.08 8.04 13.05
N LEU B 316 0.94 7.52 12.60
CA LEU B 316 0.92 6.19 11.97
C LEU B 316 1.30 6.29 10.49
N THR B 317 2.48 6.84 10.23
CA THR B 317 2.98 7.00 8.88
C THR B 317 4.51 6.90 8.87
N PRO B 318 5.08 6.29 7.80
CA PRO B 318 6.52 6.13 7.69
C PRO B 318 7.29 7.41 8.01
N ALA B 319 6.81 8.52 7.50
CA ALA B 319 7.44 9.83 7.72
C ALA B 319 7.61 10.14 9.20
N ALA B 320 6.71 9.63 10.04
CA ALA B 320 6.78 9.90 11.47
C ALA B 320 7.47 8.81 12.27
N VAL B 321 7.91 7.75 11.59
CA VAL B 321 8.58 6.66 12.28
C VAL B 321 10.00 6.42 11.78
N THR B 322 10.19 6.52 10.47
CA THR B 322 11.51 6.31 9.86
C THR B 322 12.64 6.89 10.69
N GLY B 323 13.44 6.02 11.28
CA GLY B 323 14.56 6.48 12.08
C GLY B 323 14.34 6.32 13.56
N THR B 324 13.17 5.83 13.94
CA THR B 324 12.84 5.64 15.35
C THR B 324 12.74 4.17 15.69
N LEU B 325 12.92 3.85 16.96
CA LEU B 325 12.86 2.48 17.45
C LEU B 325 11.44 2.12 17.89
N THR B 326 10.50 3.02 17.63
CA THR B 326 9.11 2.78 18.00
C THR B 326 8.36 2.01 16.91
N THR B 327 7.49 1.11 17.33
CA THR B 327 6.69 0.30 16.41
C THR B 327 5.21 0.50 16.71
N PRO B 328 4.63 1.61 16.22
CA PRO B 328 3.23 1.96 16.43
C PRO B 328 2.18 1.01 15.86
N VAL B 329 1.03 1.00 16.52
CA VAL B 329 -0.12 0.20 16.11
C VAL B 329 -1.34 1.10 16.29
N GLY B 330 -2.11 1.25 15.22
CA GLY B 330 -3.28 2.09 15.29
C GLY B 330 -4.44 1.48 14.54
N ARG B 331 -5.49 2.27 14.34
CA ARG B 331 -6.66 1.78 13.64
C ARG B 331 -7.14 0.49 14.27
N LEU B 332 -7.08 0.42 15.61
CA LEU B 332 -7.50 -0.77 16.34
C LEU B 332 -8.97 -0.71 16.69
N ARG B 333 -9.70 -1.74 16.29
CA ARG B 333 -11.12 -1.85 16.57
C ARG B 333 -11.65 -3.15 16.01
N LYS B 334 -12.91 -3.43 16.30
CA LYS B 334 -13.53 -4.65 15.84
C LYS B 334 -14.09 -4.46 14.44
N LEU B 335 -13.97 -5.49 13.61
CA LEU B 335 -14.47 -5.43 12.25
C LEU B 335 -15.94 -5.83 12.25
N ASN B 336 -16.66 -5.39 11.23
CA ASN B 336 -18.09 -5.68 11.09
C ASN B 336 -18.44 -7.16 11.14
N MET B 337 -17.50 -8.03 10.76
CA MET B 337 -17.75 -9.46 10.75
C MET B 337 -18.08 -10.03 12.14
N GLY B 338 -17.68 -9.31 13.18
CA GLY B 338 -17.95 -9.77 14.52
C GLY B 338 -16.91 -9.27 15.51
N PRO B 339 -17.17 -9.39 16.83
CA PRO B 339 -16.27 -8.94 17.89
C PRO B 339 -14.98 -9.77 18.04
N GLU B 340 -14.88 -10.87 17.30
CA GLU B 340 -13.70 -11.71 17.37
C GLU B 340 -12.69 -11.29 16.30
N PHE B 341 -13.11 -10.34 15.47
CA PHE B 341 -12.26 -9.86 14.38
C PHE B 341 -11.67 -8.51 14.74
N LEU B 342 -10.37 -8.50 15.05
CA LEU B 342 -9.69 -7.26 15.41
C LEU B 342 -8.95 -6.69 14.20
N SER B 343 -9.15 -5.40 13.95
CA SER B 343 -8.49 -4.75 12.83
C SER B 343 -7.37 -3.87 13.35
N ALA B 344 -6.18 -4.02 12.79
CA ALA B 344 -5.05 -3.22 13.23
C ALA B 344 -4.20 -2.78 12.05
N PHE B 345 -3.41 -1.74 12.27
CA PHE B 345 -2.52 -1.22 11.24
C PHE B 345 -1.23 -0.75 11.92
N THR B 346 -0.14 -1.42 11.61
CA THR B 346 1.15 -1.08 12.20
C THR B 346 2.11 -0.43 11.22
N VAL B 347 3.17 0.17 11.77
CA VAL B 347 4.20 0.83 10.98
C VAL B 347 5.47 0.77 11.80
N GLY B 348 6.61 0.57 11.13
CA GLY B 348 7.87 0.50 11.84
C GLY B 348 9.07 0.46 10.90
N ASP B 349 10.19 1.03 11.35
CA ASP B 349 11.42 1.05 10.57
C ASP B 349 11.97 -0.38 10.51
N GLN B 350 11.96 -0.99 9.33
CA GLN B 350 12.43 -2.36 9.18
C GLN B 350 13.95 -2.48 9.12
N LEU B 351 14.64 -1.36 9.23
CA LEU B 351 16.09 -1.38 9.19
C LEU B 351 16.65 -1.36 10.59
N LEU B 352 15.79 -0.97 11.54
CA LEU B 352 16.17 -0.90 12.93
C LEU B 352 15.70 -2.18 13.60
N TRP B 353 14.45 -2.19 14.04
CA TRP B 353 13.88 -3.36 14.68
C TRP B 353 13.73 -4.46 13.64
N GLY B 354 13.57 -4.07 12.39
CA GLY B 354 13.40 -5.04 11.33
C GLY B 354 14.72 -5.58 10.84
N ALA B 355 15.81 -4.94 11.25
CA ALA B 355 17.13 -5.35 10.79
C ALA B 355 18.25 -5.33 11.83
N ALA B 356 18.97 -4.22 11.89
CA ALA B 356 20.12 -4.05 12.79
C ALA B 356 19.94 -4.32 14.29
N GLU B 357 19.02 -3.60 14.93
CA GLU B 357 18.77 -3.72 16.37
C GLU B 357 18.82 -5.13 16.94
N PRO B 358 18.05 -6.08 16.38
CA PRO B 358 18.07 -7.45 16.90
C PRO B 358 19.47 -8.01 17.00
N LEU B 359 20.30 -7.70 16.00
CA LEU B 359 21.68 -8.16 15.96
C LEU B 359 22.50 -7.40 17.00
N ARG B 360 22.38 -6.08 16.96
CA ARG B 360 23.08 -5.20 17.88
C ARG B 360 22.88 -5.68 19.32
N ARG B 361 21.62 -5.81 19.70
CA ARG B 361 21.29 -6.26 21.04
C ARG B 361 21.82 -7.66 21.33
N MET B 362 21.76 -8.54 20.34
CA MET B 362 22.25 -9.90 20.52
C MET B 362 23.76 -9.94 20.72
N LEU B 363 24.49 -9.19 19.89
CA LEU B 363 25.94 -9.14 19.99
C LEU B 363 26.38 -8.78 21.41
N ARG B 364 25.80 -7.71 21.95
CA ARG B 364 26.12 -7.26 23.30
C ARG B 364 25.90 -8.40 24.29
N GLN B 365 24.95 -9.26 23.99
CA GLN B 365 24.65 -10.40 24.86
C GLN B 365 25.86 -11.32 24.88
N LEU B 366 26.50 -11.47 23.72
CA LEU B 366 27.66 -12.36 23.59
C LEU B 366 29.01 -11.67 23.78
N ALA B 367 29.01 -10.34 23.84
CA ALA B 367 30.25 -9.60 24.02
C ALA B 367 30.89 -9.94 25.35
#